data_8WM8
#
_entry.id   8WM8
#
_cell.length_a   1.00
_cell.length_b   1.00
_cell.length_c   1.00
_cell.angle_alpha   90.00
_cell.angle_beta   90.00
_cell.angle_gamma   90.00
#
_symmetry.space_group_name_H-M   'P 1'
#
loop_
_entity.id
_entity.type
_entity.pdbx_description
1 polymer 'Nitrate transport ATP-binding protein'
2 polymer 'Nitrate transport permease protein'
3 polymer 'Nitrate transport ATP-binding protein'
4 non-polymer 'NITRATE ION'
#
loop_
_entity_poly.entity_id
_entity_poly.type
_entity_poly.pdbx_seq_one_letter_code
_entity_poly.pdbx_strand_id
1 'polypeptide(L)'
;MQIINRNNQTNLKPQKTDNFLVVEGVSKIYPTPEGPYTVLDGIDLKVREGEFVCLIGHSGCGKSTLLNMISGFNTPSEGV
VLLQDKPITEPGPDRMMVFQNYCLLPWLNVFENVYLAVDAVFPNKPQAEKRAIVREHLAMVGLTEAAEKKPSQISGGMKQ
RVAIARALSIRPQVLILDEPFGALDAITKEELQEELLQIWSDHQVTVLMITHDIDEALFLADRVVMMTNGPAAQIGEILD
IPFDRPRNRRRIMEDPKYYDLRNYALDFLFNRFAHNE
;
D
2 'polypeptide(L)'
;MTAVLGNRARVRKSQKAINNFLWKKVVPPLVALGIFLVIWQLLCLNPNFKLPGPIETFSETWDPFIINPFFDNGESDKGL
GWQILSSLGRVGLGFSLAAIAGIILGILIGVNPLVYNAVDPIFQVLRTVPPLAWLPISLAAFQQANPSAIFVIFITSIWP
ILLNTTVGVQQIPQDYINVAKVLRLKGVKYFFKIVFPATVPYIFTGLRIGIGLSWLAIVAAEMLVGGVGIGSFIWDAYNT
TTETNLSEIILALIYVGLVGLLLDRLVGFVASKVVADQK
;
B,A
3 'polypeptide(L)'
;MPTFVEIDHVDRIFDLPNGGRYIALKNIELKIKQGEFVSLIGHSGCGKSTLLNIIAGLDRASIGGVTLEGREIREPSPDR
MVVFQNYSLLPWLTVRENVALAVDEVYQGKSKGERRAIIEEHIDMVGLRLAANKRPSELSGGMKQRVAIARALATRPKLL
LLDEPFGALDALTRGSLQEQLMKICNEHQITCVMVTHDVDEALLLSDRVVMLTNGPEAHIGQILEVPISRPRQRLEVVKH
PSYYNLRNEIIYFLNQQKLAKKRQTQQASAPLGTAKAVIEIGFMPLTDSAPLIVAKEKGFFAKYGLDNVILNRANNWQAI
ATGVVTGKLDAAQMVAGMPIALTLGAGSQTPTPVINALNLSRNANAITFSKRLYNQGVRSLADLKAVIDSSPDQILTLGV
VHSASMQNLILRYWLAAGGIDPDRDVSLTVIPPTQMVSQLKAGNIDGYCAGEPWNYQAVHDDLGFVAATALEIWSGQPKK
VLGVREDWAQKYPETYLNLVKALIEACKYCDDLRNREEILEILCRPEYLDVNPAYVRSGFIDPYDRGDGTPPQQLTAYNQ
FYLNKTNYPNRTEILWMITQMARWGLTPFPKNWVEITERVCRTDIFGAAARDLGLLDIGEDDPIHLFDGKLFNPSEPIEY
LKSLEIRRQIRIEEVFISSGDYKDHDGDYKDHDIDYKDDDDK
;
C
#
# COMPACT_ATOMS: atom_id res chain seq x y z
N ASN A 19 17.68 4.85 44.28
CA ASN A 19 16.66 4.58 43.27
C ASN A 19 17.11 5.09 41.91
N PHE A 20 17.09 4.20 40.92
CA PHE A 20 17.45 4.55 39.55
C PHE A 20 16.32 5.22 38.79
N LEU A 21 15.12 5.24 39.34
CA LEU A 21 13.98 5.86 38.67
C LEU A 21 12.82 5.92 39.65
N VAL A 22 11.98 6.93 39.49
CA VAL A 22 10.82 7.12 40.35
C VAL A 22 9.69 7.74 39.54
N VAL A 23 8.50 7.15 39.65
CA VAL A 23 7.27 7.73 39.12
C VAL A 23 6.27 7.77 40.27
N GLU A 24 5.79 8.96 40.60
CA GLU A 24 4.96 9.13 41.79
C GLU A 24 3.95 10.24 41.53
N GLY A 25 2.68 9.97 41.81
CA GLY A 25 1.66 11.00 41.73
C GLY A 25 1.55 11.65 40.38
N VAL A 26 1.53 10.86 39.32
CA VAL A 26 1.44 11.38 37.96
C VAL A 26 0.18 10.83 37.29
N SER A 27 -0.41 11.64 36.42
CA SER A 27 -1.62 11.27 35.71
C SER A 27 -1.58 11.91 34.33
N LYS A 28 -2.70 11.82 33.61
CA LYS A 28 -2.82 12.45 32.30
C LYS A 28 -4.28 12.51 31.92
N ILE A 29 -4.74 13.71 31.55
CA ILE A 29 -6.12 13.93 31.15
C ILE A 29 -6.13 14.53 29.75
N TYR A 30 -6.95 13.96 28.87
CA TYR A 30 -7.06 14.43 27.50
C TYR A 30 -8.26 15.38 27.40
N PRO A 31 -8.07 16.65 27.08
CA PRO A 31 -9.21 17.56 26.96
C PRO A 31 -9.89 17.40 25.62
N THR A 32 -11.12 16.88 25.64
CA THR A 32 -11.89 16.62 24.44
C THR A 32 -13.26 17.26 24.52
N PRO A 33 -13.87 17.63 23.38
CA PRO A 33 -15.20 18.23 23.43
C PRO A 33 -16.26 17.29 23.98
N GLU A 34 -16.04 15.98 23.93
CA GLU A 34 -17.00 15.01 24.43
C GLU A 34 -16.81 14.68 25.90
N GLY A 35 -15.81 15.29 26.55
CA GLY A 35 -15.59 15.07 27.96
C GLY A 35 -14.11 14.89 28.28
N PRO A 36 -13.66 15.42 29.42
CA PRO A 36 -12.26 15.20 29.81
C PRO A 36 -11.97 13.75 30.12
N TYR A 37 -11.12 13.11 29.33
CA TYR A 37 -10.78 11.71 29.50
C TYR A 37 -9.45 11.58 30.23
N THR A 38 -9.41 10.71 31.22
CA THR A 38 -8.20 10.44 32.00
C THR A 38 -7.66 9.08 31.58
N VAL A 39 -6.49 9.07 30.95
CA VAL A 39 -5.88 7.84 30.46
C VAL A 39 -4.95 7.21 31.50
N LEU A 40 -4.71 7.90 32.61
CA LEU A 40 -3.79 7.39 33.63
C LEU A 40 -4.01 8.16 34.94
N ASP A 41 -4.29 7.44 36.02
CA ASP A 41 -4.70 8.04 37.27
C ASP A 41 -3.66 7.79 38.36
N GLY A 42 -2.89 8.82 38.68
CA GLY A 42 -2.00 8.82 39.82
C GLY A 42 -1.24 7.54 40.08
N ILE A 43 -0.55 7.02 39.05
CA ILE A 43 0.28 5.84 39.22
C ILE A 43 1.43 6.19 40.17
N ASP A 44 2.06 5.17 40.75
CA ASP A 44 3.19 5.37 41.64
C ASP A 44 3.99 4.09 41.74
N LEU A 45 5.25 4.14 41.34
CA LEU A 45 6.12 2.97 41.40
C LEU A 45 7.57 3.43 41.44
N LYS A 46 8.44 2.50 41.82
CA LYS A 46 9.87 2.73 41.86
C LYS A 46 10.58 1.57 41.16
N VAL A 47 11.73 1.87 40.56
CA VAL A 47 12.53 0.90 39.84
C VAL A 47 13.92 0.87 40.43
N ARG A 48 14.40 -0.33 40.77
CA ARG A 48 15.74 -0.51 41.31
C ARG A 48 16.75 -0.66 40.18
N GLU A 49 17.99 -0.25 40.46
CA GLU A 49 19.08 -0.39 39.51
C GLU A 49 19.43 -1.87 39.34
N GLY A 50 19.16 -2.40 38.16
CA GLY A 50 19.57 -3.75 37.82
C GLY A 50 18.48 -4.81 37.86
N GLU A 51 17.22 -4.43 37.61
CA GLU A 51 16.13 -5.39 37.60
C GLU A 51 15.19 -5.10 36.45
N PHE A 52 14.53 -6.14 35.95
CA PHE A 52 13.48 -5.98 34.96
C PHE A 52 12.20 -5.44 35.61
N VAL A 53 11.32 -4.92 34.76
CA VAL A 53 9.97 -4.57 35.16
C VAL A 53 9.08 -4.75 33.93
N CYS A 54 7.92 -5.37 34.12
CA CYS A 54 7.04 -5.68 33.02
C CYS A 54 5.64 -5.15 33.32
N LEU A 55 4.94 -4.72 32.28
CA LEU A 55 3.63 -4.13 32.39
C LEU A 55 2.61 -4.97 31.64
N ILE A 56 1.47 -5.21 32.28
CA ILE A 56 0.40 -6.03 31.71
C ILE A 56 -0.86 -5.16 31.61
N GLY A 57 -1.78 -5.58 30.76
CA GLY A 57 -3.03 -4.87 30.60
C GLY A 57 -3.70 -5.12 29.26
N HIS A 58 -5.02 -5.10 29.24
CA HIS A 58 -5.76 -5.25 28.00
C HIS A 58 -5.56 -4.02 27.12
N SER A 59 -6.03 -4.12 25.87
CA SER A 59 -6.00 -2.97 24.98
C SER A 59 -6.78 -1.83 25.61
N GLY A 60 -6.19 -0.63 25.58
CA GLY A 60 -6.77 0.51 26.26
C GLY A 60 -6.43 0.62 27.73
N CYS A 61 -5.62 -0.30 28.27
CA CYS A 61 -5.23 -0.23 29.66
C CYS A 61 -4.38 0.99 29.96
N GLY A 62 -3.82 1.64 28.94
CA GLY A 62 -2.97 2.80 29.13
C GLY A 62 -1.52 2.49 29.39
N LYS A 63 -1.14 1.21 29.47
CA LYS A 63 0.26 0.85 29.71
C LYS A 63 1.17 1.30 28.58
N SER A 64 0.73 1.24 27.32
CA SER A 64 1.48 1.81 26.21
C SER A 64 1.64 3.32 26.36
N THR A 65 0.58 3.99 26.81
CA THR A 65 0.69 5.43 27.09
C THR A 65 1.69 5.69 28.21
N LEU A 66 1.74 4.80 29.21
CA LEU A 66 2.63 5.02 30.34
C LEU A 66 4.09 5.07 29.89
N LEU A 67 4.52 4.11 29.07
CA LEU A 67 5.91 4.12 28.64
C LEU A 67 6.21 5.32 27.76
N ASN A 68 5.25 5.74 26.94
CA ASN A 68 5.45 6.96 26.16
C ASN A 68 5.74 8.15 27.05
N MET A 69 5.14 8.18 28.25
CA MET A 69 5.34 9.28 29.17
C MET A 69 6.73 9.27 29.80
N ILE A 70 7.19 8.11 30.27
CA ILE A 70 8.53 8.04 30.87
C ILE A 70 9.59 8.36 29.83
N SER A 71 9.46 7.80 28.63
CA SER A 71 10.43 8.06 27.57
C SER A 71 10.43 9.50 27.10
N GLY A 72 9.40 10.29 27.44
CA GLY A 72 9.33 11.67 27.05
C GLY A 72 8.43 11.96 25.87
N PHE A 73 7.92 10.93 25.20
CA PHE A 73 7.07 11.14 24.04
C PHE A 73 5.77 11.86 24.39
N ASN A 74 5.37 11.85 25.65
CA ASN A 74 4.16 12.52 26.11
C ASN A 74 4.52 13.59 27.13
N THR A 75 3.51 14.30 27.60
CA THR A 75 3.69 15.39 28.56
C THR A 75 3.16 14.96 29.92
N PRO A 76 4.03 14.67 30.90
CA PRO A 76 3.53 14.29 32.23
C PRO A 76 2.64 15.37 32.83
N SER A 77 1.39 15.02 33.13
CA SER A 77 0.44 15.96 33.71
C SER A 77 0.11 15.57 35.14
N GLU A 78 -0.08 16.58 35.98
CA GLU A 78 -0.39 16.36 37.38
C GLU A 78 0.67 15.48 38.03
N GLY A 79 1.93 15.73 37.69
CA GLY A 79 3.03 14.95 38.21
C GLY A 79 4.20 15.00 37.25
N VAL A 80 5.26 14.27 37.59
CA VAL A 80 6.46 14.25 36.77
C VAL A 80 7.35 13.09 37.19
N VAL A 81 8.03 12.47 36.20
CA VAL A 81 8.99 11.43 36.50
C VAL A 81 10.26 12.05 37.11
N LEU A 82 11.04 11.22 37.79
CA LEU A 82 12.25 11.65 38.48
C LEU A 82 13.40 10.71 38.16
N LEU A 83 13.61 10.44 36.88
CA LEU A 83 14.72 9.58 36.47
C LEU A 83 16.04 10.16 36.97
N GLN A 84 16.72 9.41 37.84
CA GLN A 84 18.00 9.84 38.40
C GLN A 84 17.90 11.23 39.04
N ASP A 85 16.87 11.39 39.87
CA ASP A 85 16.65 12.58 40.69
C ASP A 85 16.36 13.83 39.85
N LYS A 86 16.12 13.69 38.56
CA LYS A 86 15.84 14.82 37.70
C LYS A 86 14.59 14.55 36.88
N PRO A 87 13.84 15.59 36.52
CA PRO A 87 12.66 15.38 35.66
C PRO A 87 13.06 14.96 34.25
N ILE A 88 12.13 14.27 33.59
CA ILE A 88 12.32 13.89 32.19
C ILE A 88 12.10 15.12 31.33
N THR A 89 13.11 15.46 30.52
CA THR A 89 13.05 16.67 29.70
C THR A 89 12.53 16.37 28.29
N GLU A 90 13.20 15.48 27.58
CA GLU A 90 12.85 15.15 26.20
C GLU A 90 13.45 13.79 25.87
N PRO A 91 12.96 13.14 24.81
CA PRO A 91 13.56 11.87 24.42
C PRO A 91 15.05 12.03 24.13
N GLY A 92 15.83 11.04 24.55
CA GLY A 92 17.26 11.10 24.42
C GLY A 92 17.89 9.73 24.34
N PRO A 93 19.20 9.70 24.10
CA PRO A 93 19.89 8.41 23.99
C PRO A 93 20.33 7.86 25.34
N ASP A 94 19.43 7.93 26.32
CA ASP A 94 19.60 7.27 27.60
C ASP A 94 18.34 6.54 28.05
N ARG A 95 17.21 6.82 27.42
CA ARG A 95 15.97 6.07 27.61
C ARG A 95 15.50 5.50 26.28
N MET A 96 16.46 4.98 25.50
CA MET A 96 16.14 4.49 24.17
C MET A 96 15.05 3.43 24.25
N MET A 97 14.03 3.58 23.41
CA MET A 97 12.84 2.74 23.46
C MET A 97 12.71 1.95 22.18
N VAL A 98 12.55 0.64 22.31
CA VAL A 98 12.32 -0.25 21.17
C VAL A 98 10.84 -0.20 20.84
N PHE A 99 10.51 0.26 19.64
CA PHE A 99 9.15 0.54 19.26
C PHE A 99 8.49 -0.71 18.67
N GLN A 100 7.20 -0.58 18.37
CA GLN A 100 6.53 -1.53 17.49
C GLN A 100 6.83 -1.16 16.04
N ASN A 101 6.44 -2.06 15.13
CA ASN A 101 6.70 -1.94 13.69
C ASN A 101 8.19 -2.09 13.40
N TYR A 102 8.98 -2.54 14.38
CA TYR A 102 10.38 -2.92 14.20
C TYR A 102 11.30 -1.71 14.02
N CYS A 103 10.74 -0.52 13.88
CA CYS A 103 11.50 0.74 13.87
C CYS A 103 12.84 0.63 13.14
N LEU A 104 12.84 0.06 11.94
CA LEU A 104 14.06 -0.14 11.18
C LEU A 104 13.98 0.56 9.84
N LEU A 105 15.00 1.35 9.52
CA LEU A 105 15.04 2.07 8.26
C LEU A 105 15.31 1.09 7.12
N PRO A 106 14.41 0.97 6.12
CA PRO A 106 14.58 -0.08 5.10
C PRO A 106 15.66 0.21 4.07
N TRP A 107 16.21 1.43 4.03
CA TRP A 107 17.17 1.81 3.00
C TRP A 107 18.58 1.92 3.55
N LEU A 108 18.82 1.42 4.76
CA LEU A 108 20.15 1.34 5.34
C LEU A 108 20.42 -0.10 5.76
N ASN A 109 21.62 -0.58 5.43
CA ASN A 109 21.97 -1.93 5.83
C ASN A 109 22.11 -2.01 7.35
N VAL A 110 22.18 -3.25 7.87
CA VAL A 110 22.13 -3.45 9.30
C VAL A 110 23.26 -2.70 10.00
N PHE A 111 24.49 -2.82 9.48
CA PHE A 111 25.62 -2.19 10.15
C PHE A 111 25.46 -0.68 10.18
N GLU A 112 25.06 -0.08 9.06
CA GLU A 112 24.84 1.36 9.05
C GLU A 112 23.61 1.74 9.86
N ASN A 113 22.60 0.87 9.90
CA ASN A 113 21.42 1.15 10.71
C ASN A 113 21.79 1.23 12.19
N VAL A 114 22.60 0.28 12.67
CA VAL A 114 23.11 0.37 14.03
C VAL A 114 24.06 1.56 14.16
N TYR A 115 24.89 1.80 13.14
CA TYR A 115 25.80 2.94 13.15
C TYR A 115 25.06 4.27 13.27
N LEU A 116 23.79 4.32 12.89
CA LEU A 116 23.02 5.55 13.03
C LEU A 116 22.92 5.96 14.50
N ALA A 117 22.64 5.00 15.38
CA ALA A 117 22.51 5.33 16.81
C ALA A 117 23.87 5.66 17.41
N VAL A 118 24.88 4.85 17.14
CA VAL A 118 26.18 5.05 17.78
C VAL A 118 26.75 6.40 17.38
N ASP A 119 26.70 6.73 16.10
CA ASP A 119 27.17 8.03 15.61
C ASP A 119 26.04 9.05 15.56
N ALA A 120 25.33 9.18 16.68
CA ALA A 120 24.28 10.20 16.82
C ALA A 120 24.42 10.99 18.11
N VAL A 121 24.95 10.38 19.18
CA VAL A 121 25.17 11.09 20.43
C VAL A 121 26.59 10.87 20.90
N PHE A 122 27.48 10.51 19.97
CA PHE A 122 28.92 10.41 20.25
C PHE A 122 29.70 11.13 19.16
N PRO A 123 29.51 12.45 19.02
CA PRO A 123 30.29 13.23 18.06
C PRO A 123 31.63 13.71 18.63
N ASN A 124 32.32 12.81 19.33
CA ASN A 124 33.60 13.14 19.95
C ASN A 124 34.71 12.14 19.65
N LYS A 125 34.39 10.87 19.38
CA LYS A 125 35.43 9.89 19.09
C LYS A 125 35.54 9.65 17.59
N PRO A 126 36.72 9.27 17.11
CA PRO A 126 36.92 9.11 15.66
C PRO A 126 36.23 7.87 15.13
N GLN A 127 36.21 7.76 13.81
CA GLN A 127 35.61 6.61 13.16
C GLN A 127 36.28 5.31 13.61
N ALA A 128 37.54 5.40 14.06
CA ALA A 128 38.24 4.20 14.49
C ALA A 128 37.48 3.46 15.59
N GLU A 129 37.02 4.20 16.60
CA GLU A 129 36.25 3.57 17.67
C GLU A 129 34.85 3.18 17.21
N LYS A 130 34.23 3.97 16.34
CA LYS A 130 32.87 3.68 15.92
C LYS A 130 32.79 2.35 15.18
N ARG A 131 33.76 2.06 14.32
CA ARG A 131 33.74 0.81 13.56
C ARG A 131 33.95 -0.40 14.46
N ALA A 132 34.54 -0.22 15.64
CA ALA A 132 34.82 -1.32 16.55
C ALA A 132 33.77 -1.47 17.65
N ILE A 133 33.22 -0.35 18.13
CA ILE A 133 32.20 -0.43 19.17
C ILE A 133 30.97 -1.17 18.67
N VAL A 134 30.58 -0.93 17.42
CA VAL A 134 29.40 -1.58 16.86
C VAL A 134 29.60 -3.09 16.80
N ARG A 135 30.82 -3.53 16.47
CA ARG A 135 31.08 -4.96 16.36
C ARG A 135 30.80 -5.68 17.68
N GLU A 136 31.25 -5.11 18.79
CA GLU A 136 31.04 -5.74 20.09
C GLU A 136 29.55 -5.83 20.42
N HIS A 137 28.81 -4.75 20.15
CA HIS A 137 27.38 -4.70 20.48
C HIS A 137 26.50 -5.22 19.35
N LEU A 138 27.09 -5.71 18.26
CA LEU A 138 26.33 -6.29 17.16
C LEU A 138 26.62 -7.77 16.96
N ALA A 139 27.87 -8.19 17.18
CA ALA A 139 28.20 -9.60 17.06
C ALA A 139 27.74 -10.40 18.27
N MET A 140 27.78 -9.81 19.46
CA MET A 140 27.42 -10.53 20.68
C MET A 140 25.95 -10.94 20.71
N VAL A 141 25.12 -10.38 19.83
CA VAL A 141 23.72 -10.75 19.75
C VAL A 141 23.45 -11.62 18.53
N GLY A 142 24.45 -12.34 18.05
CA GLY A 142 24.27 -13.22 16.90
C GLY A 142 23.97 -12.51 15.61
N LEU A 143 24.58 -11.35 15.38
CA LEU A 143 24.44 -10.60 14.13
C LEU A 143 25.83 -10.25 13.63
N THR A 144 26.44 -11.17 12.92
CA THR A 144 27.71 -10.92 12.24
C THR A 144 27.67 -11.37 10.78
N GLU A 145 26.98 -12.46 10.47
CA GLU A 145 26.84 -12.89 9.09
C GLU A 145 25.98 -11.92 8.29
N ALA A 146 24.97 -11.33 8.91
CA ALA A 146 24.06 -10.40 8.26
C ALA A 146 24.45 -8.95 8.49
N ALA A 147 25.75 -8.67 8.66
CA ALA A 147 26.20 -7.31 8.94
C ALA A 147 26.03 -6.38 7.75
N GLU A 148 25.77 -6.90 6.55
CA GLU A 148 25.61 -6.07 5.37
C GLU A 148 24.24 -6.23 4.70
N LYS A 149 23.35 -7.03 5.29
CA LYS A 149 22.03 -7.22 4.71
C LYS A 149 21.18 -5.96 4.89
N LYS A 150 20.17 -5.83 4.04
CA LYS A 150 19.25 -4.70 4.10
C LYS A 150 17.94 -5.14 4.72
N PRO A 151 17.22 -4.25 5.44
CA PRO A 151 15.95 -4.67 6.05
C PRO A 151 14.84 -4.91 5.03
N SER A 152 15.11 -5.79 4.07
CA SER A 152 14.11 -6.24 3.11
C SER A 152 14.04 -7.75 2.99
N GLN A 153 15.12 -8.46 3.32
CA GLN A 153 15.14 -9.91 3.34
C GLN A 153 15.19 -10.49 4.75
N ILE A 154 15.42 -9.66 5.77
CA ILE A 154 15.51 -10.15 7.13
C ILE A 154 14.12 -10.53 7.64
N SER A 155 14.04 -11.62 8.38
CA SER A 155 12.78 -12.08 8.92
C SER A 155 12.33 -11.17 10.07
N GLY A 156 11.01 -11.18 10.33
CA GLY A 156 10.47 -10.33 11.36
C GLY A 156 11.08 -10.56 12.73
N GLY A 157 11.30 -11.82 13.08
CA GLY A 157 11.90 -12.14 14.36
C GLY A 157 13.39 -11.88 14.39
N MET A 158 13.98 -11.66 13.21
CA MET A 158 15.41 -11.39 13.11
C MET A 158 15.72 -9.90 13.10
N LYS A 159 14.80 -9.06 12.64
CA LYS A 159 15.05 -7.63 12.64
C LYS A 159 14.78 -7.00 14.01
N GLN A 160 14.15 -7.73 14.91
CA GLN A 160 14.04 -7.28 16.29
C GLN A 160 15.34 -7.43 17.05
N ARG A 161 16.27 -8.25 16.55
CA ARG A 161 17.58 -8.44 17.18
C ARG A 161 18.57 -7.36 16.78
N VAL A 162 18.23 -6.50 15.83
CA VAL A 162 19.04 -5.34 15.50
C VAL A 162 18.46 -4.13 16.23
N ALA A 163 17.13 -4.11 16.37
CA ALA A 163 16.50 -3.05 17.17
C ALA A 163 16.98 -3.12 18.62
N ILE A 164 17.03 -4.32 19.19
CA ILE A 164 17.59 -4.47 20.53
C ILE A 164 19.07 -4.12 20.52
N ALA A 165 19.79 -4.54 19.49
CA ALA A 165 21.21 -4.21 19.39
C ALA A 165 21.41 -2.70 19.31
N ARG A 166 20.58 -2.01 18.54
CA ARG A 166 20.69 -0.55 18.47
C ARG A 166 20.42 0.10 19.81
N ALA A 167 19.41 -0.37 20.55
CA ALA A 167 19.05 0.27 21.81
C ALA A 167 20.18 0.15 22.83
N LEU A 168 20.79 -1.02 22.94
CA LEU A 168 21.83 -1.25 23.94
C LEU A 168 23.22 -0.87 23.44
N SER A 169 23.37 -0.52 22.17
CA SER A 169 24.69 -0.12 21.66
C SER A 169 25.14 1.22 22.21
N ILE A 170 24.21 2.07 22.64
CA ILE A 170 24.54 3.39 23.18
C ILE A 170 24.61 3.38 24.70
N ARG A 171 24.58 2.20 25.33
CA ARG A 171 24.69 2.09 26.77
C ARG A 171 23.60 2.89 27.47
N PRO A 172 22.33 2.60 27.19
CA PRO A 172 21.25 3.38 27.80
C PRO A 172 21.14 3.14 29.29
N GLN A 173 20.64 4.17 30.00
CA GLN A 173 20.39 4.03 31.43
C GLN A 173 19.22 3.09 31.68
N VAL A 174 18.11 3.28 30.97
CA VAL A 174 16.93 2.44 31.08
C VAL A 174 16.48 2.08 29.67
N LEU A 175 16.40 0.78 29.38
CA LEU A 175 16.05 0.29 28.05
C LEU A 175 14.56 -0.03 28.05
N ILE A 176 13.76 0.96 27.65
CA ILE A 176 12.30 0.80 27.59
C ILE A 176 11.99 -0.09 26.38
N LEU A 177 11.09 -1.04 26.56
CA LEU A 177 10.69 -1.97 25.50
C LEU A 177 9.17 -1.92 25.34
N ASP A 178 8.71 -1.35 24.23
CA ASP A 178 7.33 -1.59 23.83
C ASP A 178 7.23 -3.06 23.49
N GLU A 179 6.03 -3.57 23.23
CA GLU A 179 5.92 -5.01 23.00
C GLU A 179 6.83 -5.40 21.85
N PRO A 180 8.00 -6.00 22.13
CA PRO A 180 8.94 -6.33 21.04
C PRO A 180 8.46 -7.52 20.21
N PHE A 181 8.17 -8.61 20.91
CA PHE A 181 7.68 -9.83 20.29
C PHE A 181 6.16 -9.96 20.39
N GLY A 182 5.45 -9.01 19.80
CA GLY A 182 4.00 -9.06 19.81
C GLY A 182 3.43 -9.60 18.53
N ALA A 183 4.30 -9.85 17.54
CA ALA A 183 3.86 -10.34 16.23
C ALA A 183 4.83 -11.40 15.72
N LEU A 184 5.41 -12.17 16.63
CA LEU A 184 6.41 -13.17 16.27
C LEU A 184 5.79 -14.56 16.46
N ASP A 185 6.56 -15.58 16.12
CA ASP A 185 6.14 -16.98 16.25
C ASP A 185 6.81 -17.63 17.45
N ALA A 186 6.22 -18.73 17.89
CA ALA A 186 6.65 -19.38 19.12
C ALA A 186 8.10 -19.82 19.06
N ILE A 187 8.52 -20.38 17.92
CA ILE A 187 9.88 -20.92 17.79
C ILE A 187 10.89 -19.80 18.01
N THR A 188 10.72 -18.68 17.31
CA THR A 188 11.65 -17.57 17.47
C THR A 188 11.39 -16.81 18.76
N LYS A 189 10.12 -16.71 19.17
CA LYS A 189 9.79 -15.97 20.38
C LYS A 189 10.50 -16.57 21.60
N GLU A 190 10.50 -17.90 21.71
CA GLU A 190 11.19 -18.54 22.82
C GLU A 190 12.68 -18.25 22.77
N GLU A 191 13.28 -18.28 21.58
CA GLU A 191 14.71 -18.09 21.45
C GLU A 191 15.13 -16.69 21.88
N LEU A 192 14.31 -15.67 21.59
CA LEU A 192 14.71 -14.30 21.83
C LEU A 192 15.00 -14.04 23.31
N GLN A 193 14.19 -14.59 24.20
CA GLN A 193 14.39 -14.32 25.62
C GLN A 193 15.79 -14.72 26.07
N GLU A 194 16.28 -15.87 25.61
CA GLU A 194 17.66 -16.24 25.92
C GLU A 194 18.66 -15.25 25.37
N GLU A 195 18.27 -14.44 24.39
CA GLU A 195 19.11 -13.37 23.86
C GLU A 195 18.95 -12.06 24.63
N LEU A 196 18.11 -12.05 25.67
CA LEU A 196 17.99 -10.90 26.55
C LEU A 196 18.61 -11.10 27.92
N LEU A 197 18.40 -12.25 28.55
CA LEU A 197 18.95 -12.48 29.89
C LEU A 197 20.47 -12.38 29.87
N GLN A 198 21.13 -13.12 28.98
CA GLN A 198 22.59 -13.05 28.91
C GLN A 198 23.06 -11.66 28.52
N ILE A 199 22.40 -11.04 27.54
CA ILE A 199 22.79 -9.69 27.12
C ILE A 199 22.58 -8.70 28.26
N TRP A 200 21.43 -8.79 28.95
CA TRP A 200 21.14 -7.87 30.03
C TRP A 200 22.03 -8.11 31.24
N SER A 201 22.41 -9.36 31.49
CA SER A 201 23.23 -9.66 32.67
C SER A 201 24.56 -8.92 32.60
N ASP A 202 25.19 -8.88 31.42
CA ASP A 202 26.46 -8.19 31.28
C ASP A 202 26.31 -6.69 31.51
N HIS A 203 25.22 -6.10 31.03
CA HIS A 203 25.03 -4.66 31.10
C HIS A 203 24.29 -4.20 32.35
N GLN A 204 23.52 -5.09 32.97
CA GLN A 204 22.73 -4.78 34.17
C GLN A 204 22.07 -3.40 34.05
N VAL A 205 21.27 -3.25 33.00
CA VAL A 205 20.55 -2.01 32.71
C VAL A 205 19.08 -2.26 32.95
N THR A 206 18.45 -1.36 33.71
CA THR A 206 17.02 -1.49 34.00
C THR A 206 16.23 -1.56 32.71
N VAL A 207 15.24 -2.44 32.68
CA VAL A 207 14.41 -2.66 31.50
C VAL A 207 12.95 -2.61 31.92
N LEU A 208 12.18 -1.76 31.25
CA LEU A 208 10.73 -1.70 31.42
C LEU A 208 10.10 -2.17 30.11
N MET A 209 9.22 -3.16 30.19
CA MET A 209 8.65 -3.77 29.00
C MET A 209 7.15 -3.97 29.16
N ILE A 210 6.44 -3.90 28.03
CA ILE A 210 5.03 -4.21 27.95
C ILE A 210 4.89 -5.56 27.25
N THR A 211 4.23 -6.51 27.89
CA THR A 211 4.01 -7.83 27.33
C THR A 211 2.60 -8.28 27.64
N HIS A 212 1.80 -8.49 26.60
CA HIS A 212 0.44 -9.00 26.78
C HIS A 212 0.42 -10.48 27.09
N ASP A 213 1.50 -11.20 26.79
CA ASP A 213 1.51 -12.66 26.88
C ASP A 213 2.08 -13.08 28.24
N ILE A 214 1.20 -13.59 29.12
CA ILE A 214 1.68 -14.23 30.34
C ILE A 214 2.49 -15.46 29.95
N ASP A 215 3.36 -15.90 30.86
CA ASP A 215 4.41 -16.88 30.64
C ASP A 215 5.64 -16.22 30.00
N GLU A 216 5.56 -14.94 29.66
CA GLU A 216 6.71 -14.15 29.25
C GLU A 216 7.08 -13.13 30.32
N ALA A 217 6.08 -12.49 30.93
CA ALA A 217 6.33 -11.70 32.12
C ALA A 217 6.85 -12.57 33.25
N LEU A 218 6.25 -13.74 33.45
CA LEU A 218 6.63 -14.65 34.51
C LEU A 218 8.03 -15.23 34.33
N PHE A 219 8.59 -15.16 33.12
CA PHE A 219 9.92 -15.69 32.85
C PHE A 219 11.00 -14.62 32.92
N LEU A 220 10.74 -13.44 32.36
CA LEU A 220 11.74 -12.38 32.33
C LEU A 220 11.64 -11.45 33.54
N ALA A 221 10.45 -10.88 33.77
CA ALA A 221 10.31 -9.80 34.73
C ALA A 221 10.77 -10.23 36.12
N ASP A 222 11.18 -9.24 36.91
CA ASP A 222 11.51 -9.43 38.31
C ASP A 222 10.44 -8.84 39.23
N ARG A 223 9.59 -7.95 38.70
CA ARG A 223 8.47 -7.42 39.47
C ARG A 223 7.37 -7.07 38.47
N VAL A 224 6.41 -7.97 38.32
CA VAL A 224 5.30 -7.76 37.40
C VAL A 224 4.30 -6.81 38.04
N VAL A 225 3.95 -5.74 37.33
CA VAL A 225 3.01 -4.74 37.82
C VAL A 225 1.89 -4.65 36.80
N MET A 226 0.83 -5.42 37.03
CA MET A 226 -0.36 -5.39 36.18
C MET A 226 -1.24 -4.22 36.57
N MET A 227 -1.93 -3.65 35.57
CA MET A 227 -2.75 -2.47 35.76
C MET A 227 -4.16 -2.69 35.22
N THR A 228 -5.11 -1.97 35.80
CA THR A 228 -6.52 -2.17 35.52
C THR A 228 -6.97 -1.35 34.32
N ASN A 229 -8.13 -1.72 33.78
CA ASN A 229 -8.73 -1.08 32.62
C ASN A 229 -9.97 -0.30 33.04
N GLY A 230 -10.50 0.46 32.09
CA GLY A 230 -11.68 1.26 32.32
C GLY A 230 -11.46 2.70 31.94
N PRO A 231 -12.34 3.60 32.41
CA PRO A 231 -12.14 5.02 32.12
C PRO A 231 -10.84 5.57 32.68
N ALA A 232 -10.30 4.96 33.73
CA ALA A 232 -9.01 5.36 34.28
C ALA A 232 -8.09 4.15 34.41
N ALA A 233 -6.93 4.33 35.02
CA ALA A 233 -5.99 3.23 35.19
C ALA A 233 -5.18 3.45 36.47
N GLN A 234 -4.63 2.35 36.98
CA GLN A 234 -3.82 2.38 38.19
C GLN A 234 -3.22 1.00 38.38
N ILE A 235 -2.10 0.94 39.09
CA ILE A 235 -1.39 -0.32 39.27
C ILE A 235 -2.28 -1.23 40.12
N GLY A 236 -2.87 -2.25 39.49
CA GLY A 236 -3.71 -3.17 40.22
C GLY A 236 -2.94 -4.02 41.20
N GLU A 237 -1.79 -4.53 40.78
CA GLU A 237 -0.97 -5.40 41.62
C GLU A 237 0.49 -5.22 41.26
N ILE A 238 1.36 -5.60 42.19
CA ILE A 238 2.80 -5.49 42.00
C ILE A 238 3.42 -6.87 42.12
N LEU A 239 2.69 -7.89 41.70
CA LEU A 239 3.09 -9.29 41.83
C LEU A 239 4.55 -9.47 41.44
N ASP A 240 5.34 -10.00 42.36
CA ASP A 240 6.78 -10.15 42.18
C ASP A 240 7.14 -11.61 41.95
N ILE A 241 8.17 -11.83 41.15
CA ILE A 241 8.64 -13.17 40.79
C ILE A 241 9.78 -13.53 41.74
N PRO A 242 9.65 -14.58 42.55
CA PRO A 242 10.75 -15.00 43.43
C PRO A 242 11.71 -16.03 42.82
N PHE A 243 11.64 -16.27 41.51
CA PHE A 243 12.48 -17.29 40.90
C PHE A 243 13.94 -16.88 40.90
N ASP A 244 14.82 -17.89 40.81
CA ASP A 244 16.25 -17.65 40.71
C ASP A 244 16.54 -16.78 39.49
N ARG A 245 17.47 -15.83 39.63
CA ARG A 245 17.73 -14.88 38.56
C ARG A 245 18.15 -15.63 37.30
N PRO A 246 19.10 -16.55 37.37
CA PRO A 246 19.29 -17.49 36.25
C PRO A 246 18.03 -18.31 36.03
N ARG A 247 17.69 -18.51 34.76
CA ARG A 247 16.45 -19.18 34.40
C ARG A 247 16.66 -20.01 33.14
N ASN A 248 16.02 -21.17 33.09
CA ASN A 248 16.20 -22.12 31.99
C ASN A 248 14.91 -22.47 31.27
N ARG A 249 13.75 -22.12 31.81
CA ARG A 249 12.46 -22.42 31.17
C ARG A 249 12.27 -23.91 30.95
N ARG A 250 12.88 -24.73 31.81
CA ARG A 250 12.69 -26.17 31.76
C ARG A 250 12.22 -26.68 33.12
N ARG A 251 12.76 -26.12 34.19
CA ARG A 251 12.32 -26.43 35.54
C ARG A 251 11.43 -25.36 36.14
N ILE A 252 11.24 -24.23 35.45
CA ILE A 252 10.34 -23.19 35.95
C ILE A 252 8.91 -23.72 35.99
N MET A 253 8.49 -24.44 34.94
CA MET A 253 7.21 -25.11 34.99
C MET A 253 7.18 -26.18 36.07
N GLU A 254 8.27 -26.94 36.21
CA GLU A 254 8.32 -28.02 37.18
C GLU A 254 8.24 -27.52 38.62
N ASP A 255 8.42 -26.22 38.86
CA ASP A 255 8.27 -25.68 40.20
C ASP A 255 6.80 -25.42 40.48
N PRO A 256 6.20 -26.07 41.49
CA PRO A 256 4.77 -25.81 41.75
C PRO A 256 4.46 -24.37 42.04
N LYS A 257 5.42 -23.60 42.57
CA LYS A 257 5.18 -22.19 42.82
C LYS A 257 4.75 -21.44 41.58
N TYR A 258 5.18 -21.88 40.40
CA TYR A 258 4.80 -21.25 39.15
C TYR A 258 3.34 -21.52 38.77
N TYR A 259 2.75 -22.60 39.28
CA TYR A 259 1.38 -22.92 38.91
C TYR A 259 0.39 -21.92 39.51
N ASP A 260 0.34 -21.83 40.83
CA ASP A 260 -0.54 -20.86 41.48
C ASP A 260 -0.12 -19.44 41.14
N LEU A 261 1.18 -19.20 40.97
CA LEU A 261 1.66 -17.88 40.60
C LEU A 261 1.02 -17.43 39.28
N ARG A 262 1.12 -18.28 38.25
CA ARG A 262 0.49 -17.94 36.97
C ARG A 262 -1.02 -17.88 37.09
N ASN A 263 -1.61 -18.82 37.83
CA ASN A 263 -3.05 -18.81 38.02
C ASN A 263 -3.52 -17.51 38.63
N TYR A 264 -2.73 -16.95 39.55
CA TYR A 264 -3.07 -15.67 40.14
C TYR A 264 -3.14 -14.58 39.07
N ALA A 265 -2.18 -14.57 38.14
CA ALA A 265 -2.19 -13.58 37.07
C ALA A 265 -3.45 -13.73 36.21
N LEU A 266 -3.71 -14.94 35.72
CA LEU A 266 -4.92 -15.17 34.94
C LEU A 266 -6.16 -14.91 35.77
N ASP A 267 -6.13 -15.32 37.05
CA ASP A 267 -7.25 -15.05 37.94
C ASP A 267 -7.50 -13.54 38.08
N PHE A 268 -6.43 -12.77 38.22
CA PHE A 268 -6.53 -11.32 38.40
C PHE A 268 -6.23 -10.55 37.12
N LEU A 269 -6.51 -11.15 35.96
CA LEU A 269 -6.42 -10.45 34.68
C LEU A 269 -7.64 -10.66 33.81
N PHE A 270 -8.52 -11.59 34.14
CA PHE A 270 -9.77 -11.83 33.41
C PHE A 270 -11.00 -11.73 34.30
N ASN A 271 -10.93 -12.22 35.53
CA ASN A 271 -12.09 -12.15 36.42
C ASN A 271 -12.43 -10.70 36.76
N ARG A 272 -11.43 -9.88 37.03
CA ARG A 272 -11.63 -8.50 37.45
C ARG A 272 -10.69 -7.61 36.64
N PHE A 273 -10.57 -6.35 37.06
CA PHE A 273 -9.79 -5.37 36.32
C PHE A 273 -10.34 -5.18 34.92
N ALA A 274 -9.77 -5.89 33.95
CA ALA A 274 -10.10 -5.70 32.54
C ALA A 274 -11.05 -6.79 32.06
N HIS A 275 -12.13 -6.38 31.39
CA HIS A 275 -13.05 -7.29 30.71
C HIS A 275 -13.31 -6.67 29.34
N ASN A 276 -12.48 -7.02 28.36
CA ASN A 276 -12.62 -6.43 27.03
C ASN A 276 -13.84 -6.99 26.31
N GLU A 277 -13.87 -8.30 26.08
CA GLU A 277 -14.98 -8.94 25.39
C GLU A 277 -15.32 -8.24 24.08
N SER B 14 22.27 -25.28 -20.03
CA SER B 14 21.37 -24.50 -19.19
C SER B 14 20.68 -23.41 -20.01
N GLN B 15 20.45 -23.68 -21.30
CA GLN B 15 19.81 -22.72 -22.18
C GLN B 15 18.29 -22.73 -22.05
N LYS B 16 17.71 -23.66 -21.29
CA LYS B 16 16.27 -23.71 -21.14
C LYS B 16 15.72 -22.49 -20.42
N ALA B 17 16.58 -21.72 -19.72
CA ALA B 17 16.11 -20.52 -19.04
C ALA B 17 15.51 -19.53 -20.04
N ILE B 18 16.18 -19.34 -21.19
CA ILE B 18 15.63 -18.48 -22.23
C ILE B 18 14.34 -19.07 -22.76
N ASN B 19 14.33 -20.39 -23.00
CA ASN B 19 13.13 -21.04 -23.52
C ASN B 19 11.99 -21.05 -22.52
N ASN B 20 12.28 -20.88 -21.23
CA ASN B 20 11.23 -20.93 -20.22
C ASN B 20 10.20 -19.83 -20.45
N PHE B 21 10.67 -18.60 -20.70
CA PHE B 21 9.78 -17.47 -20.95
C PHE B 21 9.60 -17.16 -22.43
N LEU B 22 10.21 -17.96 -23.31
CA LEU B 22 10.07 -17.71 -24.75
C LEU B 22 8.63 -17.85 -25.21
N TRP B 23 7.93 -18.88 -24.70
CA TRP B 23 6.53 -19.10 -25.04
C TRP B 23 5.56 -18.42 -24.08
N LYS B 24 6.07 -17.65 -23.11
CA LYS B 24 5.23 -17.00 -22.11
C LYS B 24 4.96 -15.54 -22.45
N LYS B 25 6.02 -14.73 -22.59
CA LYS B 25 5.89 -13.28 -22.75
C LYS B 25 6.78 -12.81 -23.91
N VAL B 26 7.02 -13.69 -24.88
CA VAL B 26 7.76 -13.30 -26.08
C VAL B 26 6.94 -13.66 -27.32
N VAL B 27 6.57 -14.93 -27.45
CA VAL B 27 5.80 -15.36 -28.62
C VAL B 27 4.42 -14.70 -28.68
N PRO B 28 3.62 -14.71 -27.62
CA PRO B 28 2.23 -14.22 -27.74
C PRO B 28 2.18 -12.78 -28.21
N PRO B 29 3.06 -11.90 -27.71
CA PRO B 29 3.08 -10.54 -28.28
C PRO B 29 3.31 -10.52 -29.78
N LEU B 30 4.20 -11.38 -30.29
CA LEU B 30 4.40 -11.46 -31.73
C LEU B 30 3.12 -11.91 -32.42
N VAL B 31 2.41 -12.88 -31.84
CA VAL B 31 1.13 -13.31 -32.41
C VAL B 31 0.12 -12.17 -32.34
N ALA B 32 0.15 -11.40 -31.25
CA ALA B 32 -0.77 -10.27 -31.13
C ALA B 32 -0.55 -9.25 -32.25
N LEU B 33 0.71 -8.95 -32.56
CA LEU B 33 1.00 -8.05 -33.67
C LEU B 33 0.48 -8.62 -34.98
N GLY B 34 0.67 -9.93 -35.20
CA GLY B 34 0.22 -10.53 -36.43
C GLY B 34 -1.27 -10.34 -36.66
N ILE B 35 -2.08 -10.59 -35.62
CA ILE B 35 -3.51 -10.38 -35.74
C ILE B 35 -3.81 -8.91 -35.97
N PHE B 36 -3.14 -8.03 -35.24
CA PHE B 36 -3.38 -6.60 -35.40
C PHE B 36 -3.01 -6.13 -36.80
N LEU B 37 -1.86 -6.61 -37.32
CA LEU B 37 -1.47 -6.23 -38.67
C LEU B 37 -2.44 -6.82 -39.70
N VAL B 38 -2.84 -8.08 -39.52
CA VAL B 38 -3.73 -8.73 -40.49
C VAL B 38 -5.10 -8.04 -40.49
N ILE B 39 -5.68 -7.84 -39.31
CA ILE B 39 -6.95 -7.12 -39.24
C ILE B 39 -6.80 -5.72 -39.79
N TRP B 40 -5.66 -5.08 -39.51
CA TRP B 40 -5.38 -3.78 -40.12
C TRP B 40 -5.24 -3.92 -41.62
N GLN B 41 -4.51 -4.96 -42.08
CA GLN B 41 -4.37 -5.17 -43.52
C GLN B 41 -5.69 -5.52 -44.16
N LEU B 42 -6.42 -6.49 -43.58
CA LEU B 42 -7.72 -6.85 -44.12
C LEU B 42 -8.71 -5.70 -44.05
N LEU B 43 -8.48 -4.74 -43.14
CA LEU B 43 -9.30 -3.55 -43.11
C LEU B 43 -9.05 -2.67 -44.33
N CYS B 44 -7.82 -2.66 -44.84
CA CYS B 44 -7.48 -1.84 -45.99
C CYS B 44 -7.93 -2.50 -47.28
N LEU B 45 -9.21 -2.85 -47.36
CA LEU B 45 -9.80 -3.39 -48.58
C LEU B 45 -11.10 -2.65 -48.90
N ASN B 46 -11.75 -2.11 -47.87
CA ASN B 46 -12.94 -1.30 -48.08
C ASN B 46 -12.54 0.04 -48.67
N PRO B 47 -13.17 0.47 -49.77
CA PRO B 47 -12.80 1.78 -50.34
C PRO B 47 -12.96 2.92 -49.36
N ASN B 48 -13.89 2.82 -48.41
CA ASN B 48 -14.08 3.88 -47.42
C ASN B 48 -13.13 3.71 -46.26
N PHE B 49 -11.83 3.59 -46.56
CA PHE B 49 -10.79 3.52 -45.53
C PHE B 49 -9.57 4.21 -46.12
N LYS B 50 -9.42 5.50 -45.81
CA LYS B 50 -8.42 6.33 -46.47
C LYS B 50 -7.00 6.05 -45.98
N LEU B 51 -6.84 5.45 -44.80
CA LEU B 51 -5.51 5.16 -44.30
C LEU B 51 -4.88 4.04 -45.12
N PRO B 52 -3.55 3.93 -45.09
CA PRO B 52 -2.87 2.88 -45.85
C PRO B 52 -2.72 1.58 -45.04
N GLY B 53 -2.63 0.48 -45.77
CA GLY B 53 -2.45 -0.82 -45.17
C GLY B 53 -1.05 -0.97 -44.61
N PRO B 54 -0.83 -2.01 -43.79
CA PRO B 54 0.50 -2.20 -43.21
C PRO B 54 1.60 -2.34 -44.24
N ILE B 55 1.31 -3.00 -45.37
CA ILE B 55 2.35 -3.16 -46.39
C ILE B 55 2.67 -1.84 -47.07
N GLU B 56 1.65 -1.00 -47.33
CA GLU B 56 1.92 0.31 -47.91
C GLU B 56 2.76 1.17 -46.97
N THR B 57 2.32 1.29 -45.72
CA THR B 57 3.01 2.14 -44.76
C THR B 57 4.34 1.57 -44.29
N PHE B 58 4.78 0.43 -44.83
CA PHE B 58 6.10 -0.09 -44.58
C PHE B 58 6.86 -0.45 -45.86
N SER B 59 6.26 -0.21 -47.02
CA SER B 59 6.96 -0.30 -48.31
C SER B 59 7.18 1.07 -48.94
N GLU B 60 6.19 1.96 -48.87
CA GLU B 60 6.37 3.31 -49.38
C GLU B 60 7.44 4.06 -48.59
N THR B 61 7.44 3.89 -47.27
CA THR B 61 8.28 4.68 -46.38
C THR B 61 9.53 3.94 -45.93
N TRP B 62 9.82 2.76 -46.49
CA TRP B 62 10.98 2.00 -46.06
C TRP B 62 12.28 2.57 -46.60
N ASP B 63 12.27 3.09 -47.84
CA ASP B 63 13.54 3.49 -48.46
C ASP B 63 14.16 4.70 -47.79
N PRO B 64 13.49 5.86 -47.71
CA PRO B 64 14.19 7.07 -47.25
C PRO B 64 14.15 7.27 -45.74
N PHE B 65 13.17 6.68 -45.06
CA PHE B 65 12.91 6.98 -43.65
C PHE B 65 13.37 5.88 -42.69
N ILE B 66 13.84 4.74 -43.20
CA ILE B 66 14.24 3.61 -42.37
C ILE B 66 15.70 3.22 -42.62
N ILE B 67 16.09 3.13 -43.89
CA ILE B 67 17.41 2.58 -44.22
C ILE B 67 18.51 3.45 -43.64
N ASN B 68 18.42 4.76 -43.83
CA ASN B 68 19.49 5.70 -43.50
C ASN B 68 18.93 6.83 -42.65
N PRO B 69 18.72 6.60 -41.35
CA PRO B 69 18.36 7.70 -40.46
C PRO B 69 19.55 8.60 -40.19
N PHE B 70 19.28 9.72 -39.51
CA PHE B 70 20.29 10.73 -39.23
C PHE B 70 20.86 11.33 -40.51
N PHE B 71 20.09 11.30 -41.59
CA PHE B 71 20.54 11.81 -42.89
C PHE B 71 20.03 13.22 -43.10
N ASP B 72 20.93 14.10 -43.55
CA ASP B 72 20.63 15.50 -43.76
C ASP B 72 20.66 15.80 -45.26
N ASN B 73 19.54 16.31 -45.79
CA ASN B 73 19.45 16.71 -47.19
C ASN B 73 18.78 18.06 -47.39
N GLY B 74 17.98 18.55 -46.44
CA GLY B 74 17.30 19.81 -46.59
C GLY B 74 17.54 20.71 -45.39
N GLU B 75 16.91 21.88 -45.43
CA GLU B 75 17.09 22.88 -44.38
C GLU B 75 16.33 22.51 -43.11
N SER B 76 15.19 21.82 -43.23
CA SER B 76 14.39 21.50 -42.05
C SER B 76 13.86 20.07 -42.08
N ASP B 77 14.40 19.19 -42.92
CA ASP B 77 13.97 17.79 -42.94
C ASP B 77 14.84 16.93 -42.03
N LYS B 78 16.15 16.93 -42.27
CA LYS B 78 17.10 16.22 -41.40
C LYS B 78 16.70 14.76 -41.20
N GLY B 79 15.98 14.20 -42.17
CA GLY B 79 15.54 12.83 -42.03
C GLY B 79 14.64 12.64 -40.83
N LEU B 80 14.68 11.44 -40.27
CA LEU B 80 13.88 11.09 -39.10
C LEU B 80 14.71 10.77 -37.87
N GLY B 81 15.97 10.36 -38.05
CA GLY B 81 16.81 10.09 -36.89
C GLY B 81 17.14 11.33 -36.08
N TRP B 82 17.34 12.46 -36.74
CA TRP B 82 17.65 13.69 -36.03
C TRP B 82 16.41 14.27 -35.36
N GLN B 83 15.26 14.21 -36.04
CA GLN B 83 14.05 14.82 -35.49
C GLN B 83 13.57 14.11 -34.23
N ILE B 84 14.08 12.91 -33.95
CA ILE B 84 13.79 12.27 -32.68
C ILE B 84 14.88 12.57 -31.65
N LEU B 85 16.14 12.71 -32.10
CA LEU B 85 17.20 13.09 -31.19
C LEU B 85 17.12 14.57 -30.84
N SER B 86 16.73 15.41 -31.80
CA SER B 86 16.60 16.83 -31.52
C SER B 86 15.54 17.09 -30.44
N SER B 87 14.40 16.41 -30.55
CA SER B 87 13.36 16.59 -29.53
C SER B 87 13.84 16.15 -28.17
N LEU B 88 14.55 15.01 -28.10
CA LEU B 88 15.10 14.57 -26.83
C LEU B 88 16.10 15.57 -26.27
N GLY B 89 16.73 16.36 -27.14
CA GLY B 89 17.65 17.37 -26.65
C GLY B 89 16.97 18.41 -25.79
N ARG B 90 15.80 18.88 -26.22
CA ARG B 90 15.06 19.86 -25.43
C ARG B 90 14.57 19.28 -24.12
N VAL B 91 14.14 18.01 -24.10
CA VAL B 91 13.80 17.36 -22.84
C VAL B 91 15.03 17.08 -21.99
N GLY B 92 16.23 17.20 -22.55
CA GLY B 92 17.45 17.07 -21.77
C GLY B 92 17.87 18.41 -21.18
N LEU B 93 18.06 19.41 -22.04
CA LEU B 93 18.38 20.75 -21.56
C LEU B 93 17.21 21.30 -20.75
N GLY B 94 15.99 21.11 -21.22
CA GLY B 94 14.82 21.37 -20.41
C GLY B 94 14.45 20.15 -19.58
N PHE B 95 13.65 20.40 -18.53
CA PHE B 95 13.19 19.35 -17.63
C PHE B 95 14.33 18.86 -16.74
N SER B 96 15.55 19.29 -17.01
CA SER B 96 16.66 19.09 -16.09
C SER B 96 16.75 20.22 -15.09
N LEU B 97 16.38 21.44 -15.51
CA LEU B 97 16.15 22.51 -14.56
C LEU B 97 14.97 22.19 -13.65
N ALA B 98 13.91 21.63 -14.21
CA ALA B 98 12.77 21.21 -13.38
C ALA B 98 13.18 20.11 -12.42
N ALA B 99 14.04 19.19 -12.86
CA ALA B 99 14.47 18.09 -11.99
C ALA B 99 15.22 18.62 -10.78
N ILE B 100 16.07 19.62 -10.96
CA ILE B 100 16.91 20.12 -9.88
C ILE B 100 16.27 21.33 -9.22
N ALA B 101 15.57 22.14 -10.00
CA ALA B 101 14.88 23.31 -9.46
C ALA B 101 13.44 23.02 -9.05
N GLY B 102 13.01 21.77 -9.15
CA GLY B 102 11.68 21.37 -8.71
C GLY B 102 11.71 20.70 -7.36
N ILE B 103 12.69 19.81 -7.16
CA ILE B 103 12.84 19.15 -5.86
C ILE B 103 13.34 20.14 -4.83
N ILE B 104 14.23 21.04 -5.21
CA ILE B 104 14.76 22.02 -4.27
C ILE B 104 13.63 22.91 -3.75
N LEU B 105 12.77 23.39 -4.65
CA LEU B 105 11.65 24.21 -4.22
C LEU B 105 10.56 23.36 -3.57
N GLY B 106 10.41 22.11 -4.00
CA GLY B 106 9.42 21.24 -3.38
C GLY B 106 9.78 20.87 -1.96
N ILE B 107 11.06 20.61 -1.70
CA ILE B 107 11.49 20.27 -0.35
C ILE B 107 11.39 21.48 0.57
N LEU B 108 11.86 22.64 0.10
CA LEU B 108 11.86 23.83 0.91
C LEU B 108 10.46 24.38 1.17
N ILE B 109 9.45 23.87 0.48
CA ILE B 109 8.09 24.32 0.68
C ILE B 109 7.22 23.29 1.40
N GLY B 110 7.53 21.99 1.24
CA GLY B 110 6.75 20.97 1.92
C GLY B 110 7.15 20.75 3.35
N VAL B 111 8.41 21.00 3.69
CA VAL B 111 8.86 20.82 5.06
C VAL B 111 8.17 21.82 5.98
N ASN B 112 7.96 23.05 5.51
CA ASN B 112 7.27 24.06 6.28
C ASN B 112 5.77 23.94 6.04
N PRO B 113 4.96 23.57 7.04
CA PRO B 113 3.51 23.51 6.81
C PRO B 113 2.86 24.88 6.75
N LEU B 114 3.54 25.92 7.22
CA LEU B 114 2.98 27.27 7.13
C LEU B 114 2.85 27.71 5.68
N VAL B 115 3.85 27.41 4.85
CA VAL B 115 3.84 27.87 3.47
C VAL B 115 3.06 26.91 2.58
N TYR B 116 3.23 25.61 2.77
CA TYR B 116 2.55 24.65 1.90
C TYR B 116 1.05 24.79 1.99
N ASN B 117 0.53 25.05 3.20
CA ASN B 117 -0.91 25.22 3.37
C ASN B 117 -1.43 26.40 2.56
N ALA B 118 -0.58 27.37 2.22
CA ALA B 118 -0.97 28.56 1.49
C ALA B 118 -0.72 28.46 0.00
N VAL B 119 0.43 27.94 -0.42
CA VAL B 119 0.80 27.91 -1.83
C VAL B 119 0.14 26.74 -2.56
N ASP B 120 0.07 25.58 -1.91
CA ASP B 120 -0.43 24.38 -2.59
C ASP B 120 -1.79 24.58 -3.26
N PRO B 121 -2.77 25.23 -2.63
CA PRO B 121 -4.07 25.39 -3.30
C PRO B 121 -3.98 26.11 -4.64
N ILE B 122 -2.99 26.99 -4.82
CA ILE B 122 -2.83 27.71 -6.08
C ILE B 122 -1.73 27.10 -6.96
N PHE B 123 -1.04 26.06 -6.49
CA PHE B 123 -0.14 25.30 -7.34
C PHE B 123 -0.81 24.07 -7.93
N GLN B 124 -1.97 23.67 -7.43
CA GLN B 124 -2.71 22.57 -8.02
C GLN B 124 -3.58 23.00 -9.19
N VAL B 125 -3.70 24.31 -9.41
CA VAL B 125 -4.36 24.81 -10.62
C VAL B 125 -3.40 24.88 -11.78
N LEU B 126 -2.18 25.38 -11.55
CA LEU B 126 -1.18 25.42 -12.60
C LEU B 126 -0.71 24.03 -13.00
N ARG B 127 -0.90 23.02 -12.14
CA ARG B 127 -0.56 21.66 -12.52
C ARG B 127 -1.46 21.15 -13.62
N THR B 128 -2.76 21.46 -13.54
CA THR B 128 -3.73 20.92 -14.49
C THR B 128 -3.84 21.76 -15.75
N VAL B 129 -3.14 22.89 -15.84
CA VAL B 129 -3.16 23.67 -17.08
C VAL B 129 -2.54 22.82 -18.20
N PRO B 130 -3.15 22.75 -19.37
CA PRO B 130 -2.60 21.89 -20.44
C PRO B 130 -1.19 22.31 -20.81
N PRO B 131 -0.32 21.37 -21.18
CA PRO B 131 1.05 21.73 -21.55
C PRO B 131 1.13 22.74 -22.68
N LEU B 132 0.16 22.75 -23.59
CA LEU B 132 0.20 23.65 -24.75
C LEU B 132 -0.53 24.96 -24.50
N ALA B 133 -1.10 25.16 -23.31
CA ALA B 133 -1.70 26.44 -22.98
C ALA B 133 -0.67 27.47 -22.56
N TRP B 134 0.53 27.05 -22.18
CA TRP B 134 1.62 27.96 -21.86
C TRP B 134 2.38 28.43 -23.09
N LEU B 135 2.15 27.80 -24.25
CA LEU B 135 2.92 28.17 -25.44
C LEU B 135 2.65 29.62 -25.85
N PRO B 136 1.41 30.09 -25.96
CA PRO B 136 1.21 31.49 -26.37
C PRO B 136 1.90 32.48 -25.45
N ILE B 137 1.84 32.26 -24.14
CA ILE B 137 2.55 33.14 -23.21
C ILE B 137 4.05 32.92 -23.30
N SER B 138 4.48 31.66 -23.30
CA SER B 138 5.90 31.36 -23.43
C SER B 138 6.45 31.89 -24.75
N LEU B 139 5.71 31.68 -25.84
CA LEU B 139 6.17 32.14 -27.14
C LEU B 139 6.15 33.65 -27.24
N ALA B 140 5.24 34.31 -26.53
CA ALA B 140 5.15 35.77 -26.53
C ALA B 140 5.99 36.42 -25.45
N ALA B 141 6.62 35.63 -24.57
CA ALA B 141 7.46 36.17 -23.51
C ALA B 141 8.92 36.24 -23.95
N PHE B 142 9.49 35.09 -24.32
CA PHE B 142 10.87 35.05 -24.79
C PHE B 142 11.03 35.53 -26.22
N GLN B 143 9.93 35.64 -26.98
CA GLN B 143 9.95 36.16 -28.35
C GLN B 143 10.86 35.33 -29.25
N GLN B 144 10.99 34.03 -28.98
CA GLN B 144 11.83 33.16 -29.78
C GLN B 144 11.21 31.77 -29.79
N ALA B 145 11.66 30.95 -30.75
CA ALA B 145 11.11 29.61 -30.93
C ALA B 145 11.80 28.59 -30.04
N ASN B 146 13.12 28.42 -30.19
CA ASN B 146 13.82 27.38 -29.46
C ASN B 146 13.75 27.58 -27.95
N PRO B 147 14.09 28.76 -27.39
CA PRO B 147 13.96 28.93 -25.94
C PRO B 147 12.53 29.31 -25.55
N SER B 148 11.55 28.64 -26.15
CA SER B 148 10.16 28.73 -25.72
C SER B 148 9.57 27.35 -25.63
N ALA B 149 10.09 26.41 -26.44
CA ALA B 149 9.73 25.01 -26.30
C ALA B 149 10.43 24.35 -25.13
N ILE B 150 11.47 24.98 -24.59
CA ILE B 150 12.13 24.48 -23.38
C ILE B 150 11.43 25.00 -22.14
N PHE B 151 10.94 26.24 -22.17
CA PHE B 151 10.20 26.78 -21.04
C PHE B 151 8.88 26.04 -20.84
N VAL B 152 8.19 25.73 -21.94
CA VAL B 152 6.91 25.01 -21.83
C VAL B 152 7.13 23.65 -21.20
N ILE B 153 8.25 22.99 -21.52
CA ILE B 153 8.60 21.74 -20.85
C ILE B 153 8.87 22.01 -19.38
N PHE B 154 9.64 23.06 -19.09
CA PHE B 154 10.06 23.31 -17.72
C PHE B 154 8.87 23.60 -16.81
N ILE B 155 7.99 24.52 -17.21
CA ILE B 155 6.88 24.93 -16.37
C ILE B 155 5.74 23.91 -16.40
N THR B 156 5.89 22.85 -17.19
CA THR B 156 4.91 21.77 -17.22
C THR B 156 5.34 20.53 -16.46
N SER B 157 6.65 20.26 -16.34
CA SER B 157 7.16 19.12 -15.61
C SER B 157 7.76 19.53 -14.27
N ILE B 158 7.38 20.69 -13.76
CA ILE B 158 7.85 21.17 -12.47
C ILE B 158 6.76 20.93 -11.43
N TRP B 159 5.50 20.95 -11.86
CA TRP B 159 4.38 20.74 -10.94
C TRP B 159 4.23 19.26 -10.62
N PRO B 160 4.34 18.35 -11.60
CA PRO B 160 4.27 16.93 -11.26
C PRO B 160 5.38 16.48 -10.32
N ILE B 161 6.48 17.23 -10.24
CA ILE B 161 7.54 16.93 -9.29
C ILE B 161 7.37 17.74 -8.01
N LEU B 162 7.11 19.04 -8.15
CA LEU B 162 6.97 19.90 -6.98
C LEU B 162 5.77 19.51 -6.13
N LEU B 163 4.65 19.17 -6.78
CA LEU B 163 3.44 18.79 -6.06
C LEU B 163 3.41 17.33 -5.65
N ASN B 164 4.42 16.54 -6.03
CA ASN B 164 4.50 15.16 -5.59
C ASN B 164 5.72 14.91 -4.70
N THR B 165 6.56 15.92 -4.48
CA THR B 165 7.61 15.82 -3.47
C THR B 165 7.11 16.30 -2.12
N THR B 166 6.35 17.40 -2.10
CA THR B 166 5.78 17.88 -0.86
C THR B 166 4.91 16.82 -0.19
N VAL B 167 4.27 15.96 -0.99
CA VAL B 167 3.56 14.82 -0.42
C VAL B 167 4.55 13.88 0.26
N GLY B 168 5.68 13.62 -0.39
CA GLY B 168 6.67 12.73 0.20
C GLY B 168 7.27 13.26 1.48
N VAL B 169 7.64 14.55 1.51
CA VAL B 169 8.29 15.12 2.68
C VAL B 169 7.33 15.23 3.86
N GLN B 170 6.02 15.14 3.62
CA GLN B 170 5.05 15.22 4.69
C GLN B 170 4.43 13.87 5.05
N GLN B 171 4.53 12.88 4.15
CA GLN B 171 4.05 11.53 4.41
C GLN B 171 5.17 10.60 4.88
N ILE B 172 6.19 11.15 5.52
CA ILE B 172 7.22 10.28 6.11
C ILE B 172 6.57 9.39 7.15
N PRO B 173 6.91 8.11 7.24
CA PRO B 173 6.26 7.24 8.24
C PRO B 173 6.41 7.81 9.64
N GLN B 174 5.33 7.74 10.42
CA GLN B 174 5.36 8.31 11.76
C GLN B 174 6.41 7.62 12.63
N ASP B 175 6.77 6.39 12.28
CA ASP B 175 7.76 5.66 13.07
C ASP B 175 9.17 6.17 12.80
N TYR B 176 9.45 6.58 11.56
CA TYR B 176 10.77 7.10 11.23
C TYR B 176 11.12 8.30 12.12
N ILE B 177 10.16 9.22 12.27
CA ILE B 177 10.39 10.39 13.10
C ILE B 177 10.67 9.98 14.54
N ASN B 178 9.97 8.94 15.03
CA ASN B 178 10.18 8.49 16.40
C ASN B 178 11.63 8.08 16.62
N VAL B 179 12.24 7.42 15.64
CA VAL B 179 13.65 7.06 15.75
C VAL B 179 14.51 8.31 15.82
N ALA B 180 14.05 9.41 15.23
CA ALA B 180 14.81 10.65 15.29
C ALA B 180 14.81 11.24 16.68
N LYS B 181 13.64 11.32 17.31
CA LYS B 181 13.54 11.99 18.61
C LYS B 181 14.35 11.27 19.66
N VAL B 182 14.27 9.93 19.72
CA VAL B 182 14.97 9.18 20.75
C VAL B 182 16.48 9.27 20.58
N LEU B 183 16.95 9.55 19.36
CA LEU B 183 18.39 9.65 19.09
C LEU B 183 18.90 11.08 19.15
N ARG B 184 18.07 12.05 19.51
CA ARG B 184 18.45 13.46 19.49
C ARG B 184 19.01 13.83 18.12
N LEU B 185 18.36 13.35 17.08
CA LEU B 185 18.78 13.59 15.69
C LEU B 185 17.91 14.70 15.14
N LYS B 186 18.39 15.93 15.25
CA LYS B 186 17.67 17.09 14.74
C LYS B 186 18.67 18.07 14.13
N GLY B 187 18.28 18.68 13.00
CA GLY B 187 19.12 19.63 12.31
C GLY B 187 19.46 19.15 10.90
N VAL B 188 20.63 19.58 10.44
CA VAL B 188 21.08 19.19 9.10
C VAL B 188 21.23 17.67 9.01
N LYS B 189 21.70 17.05 10.09
CA LYS B 189 21.85 15.60 10.09
C LYS B 189 20.50 14.90 9.88
N TYR B 190 19.46 15.41 10.53
CA TYR B 190 18.15 14.77 10.42
C TYR B 190 17.63 14.82 8.98
N PHE B 191 17.85 15.95 8.30
CA PHE B 191 17.34 16.08 6.93
C PHE B 191 17.97 15.06 6.00
N PHE B 192 19.29 14.88 6.07
CA PHE B 192 19.98 13.96 5.18
C PHE B 192 19.84 12.50 5.60
N LYS B 193 19.48 12.24 6.85
CA LYS B 193 19.53 10.89 7.39
C LYS B 193 18.16 10.27 7.67
N ILE B 194 17.10 11.06 7.72
CA ILE B 194 15.75 10.50 7.87
C ILE B 194 14.74 11.06 6.88
N VAL B 195 14.95 12.26 6.32
CA VAL B 195 13.92 12.91 5.52
C VAL B 195 14.15 12.68 4.04
N PHE B 196 15.28 13.17 3.53
CA PHE B 196 15.51 13.13 2.08
C PHE B 196 15.45 11.71 1.52
N PRO B 197 16.13 10.72 2.10
CA PRO B 197 16.01 9.35 1.56
C PRO B 197 14.60 8.79 1.65
N ALA B 198 13.76 9.31 2.55
CA ALA B 198 12.39 8.82 2.65
C ALA B 198 11.54 9.32 1.48
N THR B 199 11.87 10.49 0.93
CA THR B 199 11.13 11.06 -0.19
C THR B 199 11.67 10.64 -1.55
N VAL B 200 12.81 9.95 -1.58
CA VAL B 200 13.35 9.49 -2.87
C VAL B 200 12.34 8.63 -3.62
N PRO B 201 11.67 7.65 -3.00
CA PRO B 201 10.60 6.94 -3.74
C PRO B 201 9.50 7.86 -4.21
N TYR B 202 9.20 8.93 -3.45
CA TYR B 202 8.15 9.85 -3.84
C TYR B 202 8.57 10.78 -4.96
N ILE B 203 9.86 11.13 -5.05
CA ILE B 203 10.34 11.96 -6.16
C ILE B 203 10.27 11.19 -7.47
N PHE B 204 10.77 9.95 -7.47
CA PHE B 204 10.85 9.20 -8.72
C PHE B 204 9.47 8.84 -9.26
N THR B 205 8.51 8.56 -8.38
CA THR B 205 7.13 8.43 -8.84
C THR B 205 6.54 9.77 -9.23
N GLY B 206 7.22 10.87 -8.95
CA GLY B 206 6.80 12.19 -9.37
C GLY B 206 7.41 12.66 -10.67
N LEU B 207 8.66 12.30 -10.95
CA LEU B 207 9.26 12.58 -12.24
C LEU B 207 9.17 11.41 -13.20
N ARG B 208 8.51 10.32 -12.79
CA ARG B 208 8.06 9.32 -13.75
C ARG B 208 6.82 9.81 -14.49
N ILE B 209 5.94 10.52 -13.79
CA ILE B 209 4.79 11.17 -14.40
C ILE B 209 5.13 12.58 -14.87
N GLY B 210 6.31 13.08 -14.48
CA GLY B 210 6.76 14.38 -14.93
C GLY B 210 7.63 14.30 -16.17
N ILE B 211 7.88 13.07 -16.64
CA ILE B 211 8.61 12.88 -17.88
C ILE B 211 7.70 12.49 -19.03
N GLY B 212 6.61 11.76 -18.79
CA GLY B 212 5.63 11.49 -19.81
C GLY B 212 4.92 12.75 -20.23
N LEU B 213 4.66 13.64 -19.27
CA LEU B 213 4.06 14.93 -19.56
C LEU B 213 5.05 15.91 -20.17
N SER B 214 6.35 15.58 -20.19
CA SER B 214 7.33 16.41 -20.86
C SER B 214 7.48 16.00 -22.32
N TRP B 215 7.64 14.69 -22.57
CA TRP B 215 7.62 14.21 -23.94
C TRP B 215 6.28 14.47 -24.60
N LEU B 216 5.19 14.32 -23.82
CA LEU B 216 3.86 14.61 -24.34
C LEU B 216 3.71 16.08 -24.72
N ALA B 217 4.59 16.95 -24.24
CA ALA B 217 4.49 18.37 -24.51
C ALA B 217 5.56 18.88 -25.47
N ILE B 218 6.67 18.15 -25.63
CA ILE B 218 7.69 18.55 -26.59
C ILE B 218 7.38 18.04 -27.99
N VAL B 219 6.52 17.02 -28.10
CA VAL B 219 6.08 16.54 -29.41
C VAL B 219 4.88 17.32 -29.94
N ALA B 220 4.20 18.07 -29.07
CA ALA B 220 3.08 18.91 -29.48
C ALA B 220 3.39 20.40 -29.42
N ALA B 221 4.43 20.80 -28.70
CA ALA B 221 4.83 22.19 -28.63
C ALA B 221 5.78 22.61 -29.75
N GLU B 222 6.23 21.67 -30.57
CA GLU B 222 7.07 21.99 -31.72
C GLU B 222 6.35 21.75 -33.04
N MET B 223 5.04 21.58 -33.01
CA MET B 223 4.24 21.53 -34.24
C MET B 223 3.37 22.77 -34.42
N LEU B 224 3.26 23.62 -33.41
CA LEU B 224 2.66 24.93 -33.55
C LEU B 224 3.69 26.02 -33.81
N VAL B 225 4.97 25.74 -33.55
CA VAL B 225 6.05 26.70 -33.78
C VAL B 225 7.02 26.20 -34.84
N GLY B 226 6.66 25.14 -35.58
CA GLY B 226 7.59 24.60 -36.54
C GLY B 226 8.85 24.06 -35.88
N GLY B 227 9.97 24.26 -36.56
CA GLY B 227 11.26 23.82 -36.04
C GLY B 227 11.65 22.45 -36.53
N VAL B 228 12.66 21.89 -35.88
CA VAL B 228 13.20 20.57 -36.19
C VAL B 228 12.89 19.65 -35.03
N GLY B 229 12.21 18.56 -35.32
CA GLY B 229 11.84 17.59 -34.31
C GLY B 229 10.52 16.94 -34.66
N ILE B 230 10.33 15.70 -34.18
CA ILE B 230 9.11 14.97 -34.45
C ILE B 230 7.93 15.76 -33.88
N GLY B 231 7.02 16.18 -34.75
CA GLY B 231 5.94 17.06 -34.40
C GLY B 231 5.95 18.22 -35.39
N SER B 232 7.14 18.69 -35.71
CA SER B 232 7.33 19.58 -36.85
C SER B 232 7.52 18.80 -38.14
N PHE B 233 7.69 17.49 -38.05
CA PHE B 233 7.78 16.61 -39.21
C PHE B 233 6.48 15.87 -39.49
N ILE B 234 5.77 15.45 -38.44
CA ILE B 234 4.45 14.85 -38.64
C ILE B 234 3.51 15.86 -39.28
N TRP B 235 3.49 17.08 -38.75
CA TRP B 235 2.65 18.12 -39.32
C TRP B 235 3.17 18.57 -40.68
N ASP B 236 4.49 18.68 -40.84
CA ASP B 236 5.05 19.03 -42.14
C ASP B 236 4.69 17.98 -43.18
N ALA B 237 4.81 16.71 -42.82
CA ALA B 237 4.42 15.62 -43.73
C ALA B 237 2.97 15.21 -43.51
N TYR B 238 2.09 16.19 -43.44
CA TYR B 238 0.66 15.96 -43.56
C TYR B 238 -0.01 16.93 -44.54
N ASN B 239 0.42 18.19 -44.57
CA ASN B 239 -0.22 19.15 -45.45
C ASN B 239 0.15 18.90 -46.91
N THR B 240 1.37 18.44 -47.17
CA THR B 240 1.82 18.15 -48.52
C THR B 240 1.25 16.80 -48.94
N THR B 241 0.04 16.81 -49.49
CA THR B 241 -0.60 15.57 -49.92
C THR B 241 0.25 14.88 -50.97
N THR B 242 0.45 13.57 -50.80
CA THR B 242 1.29 12.79 -51.69
C THR B 242 0.94 11.32 -51.49
N GLU B 243 1.29 10.50 -52.49
CA GLU B 243 1.05 9.07 -52.35
C GLU B 243 1.85 8.50 -51.18
N THR B 244 3.00 9.09 -50.87
CA THR B 244 3.80 8.69 -49.71
C THR B 244 3.45 9.49 -48.46
N ASN B 245 2.61 10.52 -48.57
CA ASN B 245 2.34 11.41 -47.45
C ASN B 245 1.80 10.63 -46.25
N LEU B 246 0.79 9.78 -46.48
CA LEU B 246 0.09 9.13 -45.38
C LEU B 246 0.96 8.13 -44.63
N SER B 247 2.14 7.79 -45.16
CA SER B 247 2.95 6.75 -44.53
C SER B 247 3.78 7.28 -43.36
N GLU B 248 4.37 8.46 -43.51
CA GLU B 248 5.21 9.00 -42.44
C GLU B 248 4.39 9.25 -41.17
N ILE B 249 3.19 9.80 -41.32
CA ILE B 249 2.36 10.10 -40.15
C ILE B 249 2.06 8.85 -39.35
N ILE B 250 2.25 7.67 -39.93
CA ILE B 250 2.04 6.41 -39.23
C ILE B 250 3.37 5.80 -38.79
N LEU B 251 4.39 5.84 -39.65
CA LEU B 251 5.70 5.33 -39.26
C LEU B 251 6.28 6.15 -38.11
N ALA B 252 6.17 7.47 -38.19
CA ALA B 252 6.65 8.32 -37.10
C ALA B 252 5.81 8.14 -35.86
N LEU B 253 4.50 7.93 -36.02
CA LEU B 253 3.64 7.74 -34.87
C LEU B 253 4.07 6.54 -34.02
N ILE B 254 4.70 5.55 -34.65
CA ILE B 254 5.21 4.42 -33.90
C ILE B 254 6.48 4.80 -33.13
N TYR B 255 7.36 5.58 -33.77
CA TYR B 255 8.58 6.00 -33.10
C TYR B 255 8.26 6.85 -31.86
N VAL B 256 7.27 7.74 -31.97
CA VAL B 256 6.92 8.57 -30.82
C VAL B 256 6.49 7.70 -29.66
N GLY B 257 5.66 6.70 -29.91
CA GLY B 257 5.26 5.77 -28.88
C GLY B 257 6.43 4.94 -28.38
N LEU B 258 7.23 4.42 -29.31
CA LEU B 258 8.36 3.58 -28.92
C LEU B 258 9.36 4.37 -28.09
N VAL B 259 9.66 5.61 -28.51
CA VAL B 259 10.60 6.43 -27.74
C VAL B 259 9.95 6.97 -26.47
N GLY B 260 8.64 7.20 -26.48
CA GLY B 260 7.96 7.61 -25.26
C GLY B 260 7.96 6.53 -24.21
N LEU B 261 8.09 5.26 -24.62
CA LEU B 261 8.19 4.17 -23.67
C LEU B 261 9.54 4.16 -22.96
N LEU B 262 10.62 4.36 -23.73
CA LEU B 262 11.95 4.34 -23.13
C LEU B 262 12.10 5.44 -22.09
N LEU B 263 11.61 6.65 -22.40
CA LEU B 263 11.69 7.74 -21.43
C LEU B 263 10.91 7.42 -20.17
N ASP B 264 9.71 6.85 -20.33
CA ASP B 264 8.89 6.51 -19.18
C ASP B 264 9.37 5.24 -18.48
N ARG B 265 10.16 4.41 -19.16
CA ARG B 265 10.69 3.20 -18.54
C ARG B 265 12.11 3.41 -18.01
N LEU B 266 12.90 4.26 -18.66
CA LEU B 266 14.26 4.51 -18.19
C LEU B 266 14.23 5.09 -16.77
N VAL B 267 13.24 5.94 -16.49
CA VAL B 267 13.09 6.44 -15.12
C VAL B 267 12.83 5.29 -14.16
N GLY B 268 11.96 4.36 -14.54
CA GLY B 268 11.69 3.22 -13.69
C GLY B 268 12.93 2.39 -13.41
N PHE B 269 13.74 2.14 -14.45
CA PHE B 269 14.97 1.37 -14.25
C PHE B 269 15.92 2.09 -13.32
N VAL B 270 16.13 3.40 -13.52
CA VAL B 270 16.98 4.17 -12.63
C VAL B 270 16.35 4.27 -11.25
N ALA B 271 15.04 4.48 -11.20
CA ALA B 271 14.33 4.57 -9.92
C ALA B 271 14.24 3.22 -9.22
N SER B 272 14.59 2.13 -9.89
CA SER B 272 14.57 0.81 -9.28
C SER B 272 15.92 0.42 -8.68
N LYS B 273 16.94 1.27 -8.79
CA LYS B 273 18.27 0.97 -8.28
C LYS B 273 18.75 1.92 -7.20
N VAL B 274 18.00 2.96 -6.86
CA VAL B 274 18.40 3.91 -5.83
C VAL B 274 17.26 4.12 -4.84
N VAL B 275 16.06 3.67 -5.20
CA VAL B 275 14.90 3.88 -4.35
C VAL B 275 15.07 3.12 -3.04
N ALA B 276 14.44 3.65 -1.99
CA ALA B 276 14.39 2.97 -0.69
C ALA B 276 13.47 1.78 -0.83
N ASP B 277 14.05 0.58 -0.94
CA ASP B 277 13.26 -0.63 -1.19
C ASP B 277 12.33 -0.91 -0.03
N GLN B 278 11.04 -0.71 -0.25
CA GLN B 278 10.03 -0.93 0.79
C GLN B 278 10.33 -0.09 2.02
N GLN C 15 -19.64 28.39 13.86
CA GLN C 15 -18.96 29.03 14.98
C GLN C 15 -17.62 28.38 15.24
N LYS C 16 -17.54 27.07 15.00
CA LYS C 16 -16.31 26.32 15.20
C LYS C 16 -15.37 26.37 14.01
N ALA C 17 -15.79 27.00 12.91
CA ALA C 17 -14.96 27.08 11.70
C ALA C 17 -14.71 28.49 11.21
N ILE C 18 -15.54 29.48 11.59
CA ILE C 18 -15.35 30.83 11.09
C ILE C 18 -14.07 31.44 11.64
N ASN C 19 -13.74 31.15 12.90
CA ASN C 19 -12.60 31.76 13.56
C ASN C 19 -11.35 30.88 13.58
N ASN C 20 -11.52 29.56 13.50
CA ASN C 20 -10.39 28.64 13.58
C ASN C 20 -10.10 27.97 12.25
N PHE C 21 -11.09 27.31 11.64
CA PHE C 21 -10.86 26.67 10.35
C PHE C 21 -10.55 27.68 9.26
N LEU C 22 -11.03 28.92 9.41
CA LEU C 22 -10.84 29.90 8.36
C LEU C 22 -9.36 30.19 8.12
N TRP C 23 -8.59 30.35 9.18
CA TRP C 23 -7.17 30.70 9.02
C TRP C 23 -6.29 29.49 8.79
N LYS C 24 -6.70 28.56 7.93
CA LYS C 24 -5.76 27.62 7.33
C LYS C 24 -6.13 27.25 5.91
N LYS C 25 -7.21 27.78 5.33
CA LYS C 25 -7.66 27.36 4.01
C LYS C 25 -8.11 28.50 3.10
N VAL C 26 -8.39 29.70 3.61
CA VAL C 26 -8.87 30.77 2.76
C VAL C 26 -8.00 32.02 2.94
N VAL C 27 -7.41 32.17 4.12
CA VAL C 27 -6.54 33.31 4.38
C VAL C 27 -5.14 33.03 3.83
N PRO C 28 -4.55 31.87 4.09
CA PRO C 28 -3.19 31.60 3.59
C PRO C 28 -3.13 31.63 2.08
N PRO C 29 -4.07 31.00 1.38
CA PRO C 29 -4.03 31.08 -0.10
C PRO C 29 -4.19 32.49 -0.62
N LEU C 30 -5.14 33.26 -0.10
CA LEU C 30 -5.37 34.59 -0.63
C LEU C 30 -4.15 35.48 -0.47
N VAL C 31 -3.51 35.45 0.70
CA VAL C 31 -2.28 36.22 0.88
C VAL C 31 -1.18 35.68 -0.01
N ALA C 32 -1.06 34.35 -0.11
CA ALA C 32 -0.08 33.77 -1.01
C ALA C 32 -0.37 34.12 -2.46
N LEU C 33 -1.64 34.08 -2.86
CA LEU C 33 -2.01 34.51 -4.20
C LEU C 33 -1.89 36.02 -4.34
N GLY C 34 -2.21 36.77 -3.28
CA GLY C 34 -2.12 38.21 -3.34
C GLY C 34 -0.71 38.70 -3.60
N ILE C 35 0.26 38.13 -2.88
CA ILE C 35 1.65 38.51 -3.12
C ILE C 35 2.10 38.06 -4.50
N PHE C 36 1.58 36.92 -4.98
CA PHE C 36 1.92 36.47 -6.33
C PHE C 36 1.45 37.48 -7.37
N LEU C 37 0.23 38.01 -7.20
CA LEU C 37 -0.23 39.06 -8.10
C LEU C 37 0.61 40.32 -7.95
N VAL C 38 0.97 40.68 -6.71
CA VAL C 38 1.73 41.90 -6.48
C VAL C 38 3.11 41.80 -7.15
N ILE C 39 3.79 40.67 -6.95
CA ILE C 39 5.10 40.50 -7.59
C ILE C 39 4.94 40.45 -9.10
N TRP C 40 3.85 39.85 -9.59
CA TRP C 40 3.57 39.90 -11.01
C TRP C 40 3.40 41.35 -11.48
N GLN C 41 2.69 42.15 -10.69
CA GLN C 41 2.56 43.57 -11.02
C GLN C 41 3.91 44.26 -11.07
N LEU C 42 4.79 43.95 -10.11
CA LEU C 42 6.12 44.55 -10.11
C LEU C 42 6.92 44.11 -11.32
N LEU C 43 6.66 42.92 -11.84
CA LEU C 43 7.44 42.41 -12.96
C LEU C 43 7.26 43.27 -14.21
N CYS C 44 6.02 43.70 -14.50
CA CYS C 44 5.79 44.46 -15.71
C CYS C 44 6.49 45.81 -15.69
N LEU C 45 6.95 46.27 -14.52
CA LEU C 45 7.71 47.50 -14.47
C LEU C 45 8.95 47.43 -15.35
N ASN C 46 9.46 46.23 -15.58
CA ASN C 46 10.58 46.07 -16.49
C ASN C 46 10.16 46.45 -17.90
N PRO C 47 10.90 47.32 -18.60
CA PRO C 47 10.47 47.69 -19.96
C PRO C 47 10.39 46.52 -20.91
N ASN C 48 11.24 45.50 -20.75
CA ASN C 48 11.34 44.41 -21.70
C ASN C 48 10.43 43.23 -21.39
N PHE C 49 9.64 43.30 -20.31
CA PHE C 49 8.72 42.23 -19.97
C PHE C 49 7.49 42.35 -20.86
N LYS C 50 7.35 41.43 -21.81
CA LYS C 50 6.29 41.56 -22.81
C LYS C 50 4.91 41.33 -22.20
N LEU C 51 4.81 40.39 -21.26
CA LEU C 51 3.51 40.07 -20.68
C LEU C 51 2.94 41.30 -19.97
N PRO C 52 1.73 41.74 -20.29
CA PRO C 52 1.15 42.86 -19.57
C PRO C 52 0.87 42.51 -18.11
N GLY C 53 0.86 43.54 -17.27
CA GLY C 53 0.65 43.36 -15.85
C GLY C 53 -0.76 42.94 -15.52
N PRO C 54 -0.98 42.48 -14.29
CA PRO C 54 -2.32 42.02 -13.91
C PRO C 54 -3.37 43.11 -14.05
N ILE C 55 -3.01 44.36 -13.77
CA ILE C 55 -3.97 45.45 -13.93
C ILE C 55 -4.40 45.57 -15.38
N GLU C 56 -3.45 45.46 -16.31
CA GLU C 56 -3.79 45.54 -17.72
C GLU C 56 -4.60 44.33 -18.17
N THR C 57 -4.15 43.12 -17.78
CA THR C 57 -4.78 41.91 -18.28
C THR C 57 -6.15 41.64 -17.64
N PHE C 58 -6.41 42.21 -16.46
CA PHE C 58 -7.69 42.00 -15.79
C PHE C 58 -8.64 43.19 -15.90
N SER C 59 -8.13 44.36 -16.29
CA SER C 59 -8.96 45.55 -16.41
C SER C 59 -9.34 45.87 -17.86
N GLU C 60 -8.38 45.77 -18.79
CA GLU C 60 -8.67 46.10 -20.18
C GLU C 60 -9.48 45.02 -20.88
N THR C 61 -9.61 43.83 -20.28
CA THR C 61 -10.54 42.81 -20.76
C THR C 61 -11.43 42.45 -19.58
N TRP C 62 -12.46 43.26 -19.36
CA TRP C 62 -13.43 43.05 -18.29
C TRP C 62 -14.84 42.85 -18.81
N ASP C 63 -15.32 43.77 -19.66
CA ASP C 63 -16.70 43.65 -20.15
C ASP C 63 -16.82 42.60 -21.26
N PRO C 64 -15.91 42.53 -22.24
CA PRO C 64 -16.15 41.61 -23.37
C PRO C 64 -16.36 40.17 -22.96
N PHE C 65 -15.60 39.66 -21.99
CA PHE C 65 -15.57 38.23 -21.71
C PHE C 65 -16.08 37.88 -20.32
N ILE C 66 -15.48 38.44 -19.26
CA ILE C 66 -15.73 37.92 -17.91
C ILE C 66 -17.18 38.19 -17.49
N ILE C 67 -17.64 39.43 -17.65
CA ILE C 67 -18.91 39.82 -17.04
C ILE C 67 -20.08 39.15 -17.76
N ASN C 68 -20.04 39.11 -19.10
CA ASN C 68 -21.18 38.64 -19.89
C ASN C 68 -20.74 37.60 -20.91
N PRO C 69 -20.59 36.35 -20.49
CA PRO C 69 -20.40 35.28 -21.48
C PRO C 69 -21.65 35.07 -22.29
N PHE C 70 -21.62 34.13 -23.25
CA PHE C 70 -22.79 33.80 -24.05
C PHE C 70 -23.25 35.01 -24.88
N PHE C 71 -22.36 35.50 -25.75
CA PHE C 71 -22.64 36.65 -26.58
C PHE C 71 -22.24 36.38 -28.04
N ASP C 72 -22.69 35.25 -28.56
CA ASP C 72 -22.42 34.90 -29.96
C ASP C 72 -22.62 36.10 -30.87
N ASN C 73 -21.57 36.48 -31.60
CA ASN C 73 -21.59 37.66 -32.45
C ASN C 73 -21.03 37.36 -33.85
N GLY C 74 -20.91 36.09 -34.21
CA GLY C 74 -20.38 35.75 -35.51
C GLY C 74 -20.19 34.25 -35.65
N GLU C 75 -19.58 33.85 -36.77
CA GLU C 75 -19.35 32.43 -37.01
C GLU C 75 -18.47 31.83 -35.91
N SER C 76 -17.38 32.52 -35.57
CA SER C 76 -16.53 32.14 -34.44
C SER C 76 -16.27 33.42 -33.62
N ASP C 77 -17.22 33.75 -32.75
CA ASP C 77 -17.07 34.89 -31.84
C ASP C 77 -17.90 34.59 -30.60
N LYS C 78 -17.26 34.05 -29.58
CA LYS C 78 -17.92 33.71 -28.33
C LYS C 78 -16.99 34.06 -27.18
N GLY C 79 -17.58 34.19 -25.99
CA GLY C 79 -16.80 34.39 -24.79
C GLY C 79 -16.27 33.07 -24.28
N LEU C 80 -15.90 33.06 -23.00
CA LEU C 80 -15.52 31.81 -22.35
C LEU C 80 -16.80 31.09 -21.92
N GLY C 81 -17.69 30.90 -22.89
CA GLY C 81 -18.99 30.31 -22.68
C GLY C 81 -19.59 30.07 -24.06
N TRP C 82 -20.18 28.89 -24.27
CA TRP C 82 -20.43 28.34 -25.61
C TRP C 82 -19.10 27.95 -26.26
N GLN C 83 -17.99 28.16 -25.54
CA GLN C 83 -16.67 27.70 -25.94
C GLN C 83 -16.09 26.71 -24.95
N ILE C 84 -16.13 27.02 -23.65
CA ILE C 84 -15.82 26.02 -22.64
C ILE C 84 -16.83 24.89 -22.72
N LEU C 85 -18.12 25.22 -22.86
CA LEU C 85 -19.14 24.21 -23.14
C LEU C 85 -19.29 24.02 -24.65
N SER C 86 -18.15 23.94 -25.32
CA SER C 86 -18.06 23.38 -26.67
C SER C 86 -16.85 22.48 -26.85
N SER C 87 -15.80 22.65 -26.05
CA SER C 87 -14.69 21.70 -25.95
C SER C 87 -14.85 20.77 -24.77
N LEU C 88 -15.85 20.99 -23.92
CA LEU C 88 -16.20 20.06 -22.86
C LEU C 88 -17.32 19.12 -23.26
N GLY C 89 -18.19 19.53 -24.19
CA GLY C 89 -19.17 18.63 -24.75
C GLY C 89 -18.55 17.51 -25.56
N ARG C 90 -17.33 17.71 -26.06
CA ARG C 90 -16.60 16.65 -26.73
C ARG C 90 -15.93 15.69 -25.75
N VAL C 91 -15.83 16.08 -24.46
CA VAL C 91 -15.37 15.17 -23.43
C VAL C 91 -16.52 14.39 -22.80
N GLY C 92 -17.76 14.76 -23.10
CA GLY C 92 -18.91 13.97 -22.67
C GLY C 92 -19.34 13.00 -23.74
N LEU C 93 -19.53 13.50 -24.96
CA LEU C 93 -19.80 12.61 -26.09
C LEU C 93 -18.64 11.66 -26.33
N GLY C 94 -17.42 12.18 -26.27
CA GLY C 94 -16.23 11.35 -26.16
C GLY C 94 -15.91 11.07 -24.72
N PHE C 95 -14.97 10.13 -24.51
CA PHE C 95 -14.56 9.73 -23.16
C PHE C 95 -15.72 9.08 -22.41
N SER C 96 -16.87 8.94 -23.04
CA SER C 96 -17.98 8.18 -22.47
C SER C 96 -18.01 6.82 -23.14
N LEU C 97 -17.65 6.80 -24.42
CA LEU C 97 -17.37 5.54 -25.10
C LEU C 97 -16.02 4.99 -24.73
N ALA C 98 -15.14 5.81 -24.16
CA ALA C 98 -13.82 5.36 -23.72
C ALA C 98 -13.84 4.79 -22.31
N ALA C 99 -14.94 4.96 -21.58
CA ALA C 99 -15.14 4.31 -20.29
C ALA C 99 -16.08 3.13 -20.38
N ILE C 100 -17.11 3.22 -21.23
CA ILE C 100 -18.01 2.09 -21.43
C ILE C 100 -17.29 0.98 -22.20
N ALA C 101 -16.54 1.34 -23.24
CA ALA C 101 -15.80 0.38 -24.05
C ALA C 101 -14.33 0.31 -23.64
N GLY C 102 -13.98 0.90 -22.51
CA GLY C 102 -12.63 0.86 -22.01
C GLY C 102 -12.47 -0.07 -20.83
N ILE C 103 -13.58 -0.32 -20.12
CA ILE C 103 -13.54 -1.21 -18.97
C ILE C 103 -13.94 -2.63 -19.37
N ILE C 104 -14.97 -2.76 -20.20
CA ILE C 104 -15.43 -4.10 -20.59
C ILE C 104 -14.34 -4.82 -21.37
N LEU C 105 -13.68 -4.12 -22.30
CA LEU C 105 -12.46 -4.68 -22.89
C LEU C 105 -11.35 -4.77 -21.86
N GLY C 106 -11.35 -3.88 -20.86
CA GLY C 106 -10.36 -3.95 -19.80
C GLY C 106 -10.58 -5.10 -18.84
N ILE C 107 -11.81 -5.59 -18.74
CA ILE C 107 -12.10 -6.74 -17.89
C ILE C 107 -12.06 -8.04 -18.69
N LEU C 108 -12.65 -8.04 -19.89
CA LEU C 108 -12.56 -9.23 -20.74
C LEU C 108 -11.11 -9.63 -20.95
N ILE C 109 -10.21 -8.66 -21.04
CA ILE C 109 -8.77 -8.90 -21.08
C ILE C 109 -8.25 -8.75 -19.67
N GLY C 110 -7.78 -9.85 -19.09
CA GLY C 110 -7.24 -9.82 -17.74
C GLY C 110 -7.75 -10.94 -16.85
N VAL C 111 -9.02 -11.30 -17.01
CA VAL C 111 -9.56 -12.41 -16.22
C VAL C 111 -8.78 -13.68 -16.48
N ASN C 112 -8.40 -13.90 -17.74
CA ASN C 112 -7.56 -15.03 -18.10
C ASN C 112 -6.14 -14.54 -18.39
N PRO C 113 -5.16 -14.79 -17.51
CA PRO C 113 -3.80 -14.28 -17.77
C PRO C 113 -3.11 -14.95 -18.94
N LEU C 114 -3.78 -15.00 -20.08
CA LEU C 114 -3.19 -15.44 -21.34
C LEU C 114 -3.35 -14.38 -22.41
N VAL C 115 -4.51 -13.72 -22.47
CA VAL C 115 -4.66 -12.55 -23.33
C VAL C 115 -3.78 -11.41 -22.82
N TYR C 116 -3.76 -11.19 -21.50
CA TYR C 116 -2.93 -10.13 -20.93
C TYR C 116 -1.49 -10.63 -20.77
N ASN C 117 -0.99 -11.17 -21.88
CA ASN C 117 0.41 -11.54 -22.01
C ASN C 117 0.87 -11.27 -23.43
N ALA C 118 -0.08 -11.26 -24.38
CA ALA C 118 0.18 -10.98 -25.78
C ALA C 118 -0.12 -9.55 -26.14
N VAL C 119 -1.18 -8.96 -25.57
CA VAL C 119 -1.59 -7.61 -25.92
C VAL C 119 -1.25 -6.66 -24.77
N ASP C 120 -0.31 -7.05 -23.92
CA ASP C 120 0.19 -6.12 -22.92
C ASP C 120 1.22 -5.19 -23.55
N PRO C 121 2.21 -5.71 -24.31
CA PRO C 121 3.16 -4.78 -24.96
C PRO C 121 2.64 -4.26 -26.31
N ILE C 122 1.35 -3.95 -26.34
CA ILE C 122 0.73 -3.27 -27.46
C ILE C 122 -0.11 -2.15 -26.87
N PHE C 123 -0.96 -2.50 -25.91
CA PHE C 123 -1.74 -1.54 -25.13
C PHE C 123 -0.90 -0.76 -24.14
N GLN C 124 0.42 -0.96 -24.14
CA GLN C 124 1.34 -0.16 -23.34
C GLN C 124 2.21 0.75 -24.19
N VAL C 125 2.69 0.26 -25.34
CA VAL C 125 3.41 1.13 -26.27
C VAL C 125 2.48 2.21 -26.80
N LEU C 126 1.28 1.83 -27.20
CA LEU C 126 0.30 2.82 -27.64
C LEU C 126 -0.11 3.75 -26.51
N ARG C 127 -0.03 3.28 -25.26
CA ARG C 127 -0.39 4.13 -24.14
C ARG C 127 0.50 5.36 -24.05
N THR C 128 1.80 5.18 -24.25
CA THR C 128 2.73 6.31 -24.20
C THR C 128 2.92 6.93 -25.58
N VAL C 129 1.81 7.22 -26.24
CA VAL C 129 1.79 7.97 -27.49
C VAL C 129 1.07 9.28 -27.20
N PRO C 130 1.67 10.43 -27.50
CA PRO C 130 1.05 11.71 -27.14
C PRO C 130 -0.35 11.81 -27.70
N PRO C 131 -1.30 12.34 -26.94
CA PRO C 131 -2.69 12.39 -27.42
C PRO C 131 -2.84 13.07 -28.77
N LEU C 132 -2.03 14.10 -29.03
CA LEU C 132 -2.22 14.94 -30.20
C LEU C 132 -1.49 14.41 -31.43
N ALA C 133 -0.73 13.33 -31.30
CA ALA C 133 -0.11 12.68 -32.46
C ALA C 133 -1.07 11.74 -33.19
N TRP C 134 -2.21 11.39 -32.57
CA TRP C 134 -3.22 10.60 -33.24
C TRP C 134 -4.06 11.44 -34.18
N LEU C 135 -4.03 12.77 -34.04
CA LEU C 135 -4.83 13.65 -34.89
C LEU C 135 -4.51 13.50 -36.37
N PRO C 136 -3.23 13.53 -36.81
CA PRO C 136 -2.97 13.52 -38.26
C PRO C 136 -3.56 12.32 -38.97
N ILE C 137 -3.54 11.14 -38.35
CA ILE C 137 -4.13 9.96 -38.97
C ILE C 137 -5.62 9.86 -38.67
N SER C 138 -6.03 10.25 -37.46
CA SER C 138 -7.45 10.29 -37.15
C SER C 138 -8.18 11.30 -38.02
N LEU C 139 -7.59 12.48 -38.20
CA LEU C 139 -8.20 13.51 -39.03
C LEU C 139 -8.07 13.19 -40.51
N ALA C 140 -7.15 12.31 -40.88
CA ALA C 140 -6.99 11.86 -42.26
C ALA C 140 -7.92 10.70 -42.61
N ALA C 141 -8.71 10.20 -41.64
CA ALA C 141 -9.66 9.13 -41.88
C ALA C 141 -11.09 9.64 -41.82
N PHE C 142 -11.49 10.27 -40.72
CA PHE C 142 -12.81 10.87 -40.64
C PHE C 142 -12.94 12.04 -41.60
N GLN C 143 -11.89 12.85 -41.71
CA GLN C 143 -11.80 14.00 -42.60
C GLN C 143 -12.77 15.11 -42.21
N GLN C 144 -13.36 15.05 -41.02
CA GLN C 144 -14.25 16.08 -40.51
C GLN C 144 -13.69 16.63 -39.21
N ALA C 145 -14.02 17.89 -38.93
CA ALA C 145 -13.50 18.58 -37.76
C ALA C 145 -14.02 18.02 -36.44
N ASN C 146 -15.34 17.77 -36.35
CA ASN C 146 -15.90 17.33 -35.07
C ASN C 146 -15.57 15.87 -34.79
N PRO C 147 -15.92 14.91 -35.65
CA PRO C 147 -15.61 13.50 -35.32
C PRO C 147 -14.13 13.25 -35.10
N SER C 148 -13.26 13.89 -35.87
CA SER C 148 -11.83 13.70 -35.72
C SER C 148 -11.32 14.19 -34.37
N ALA C 149 -11.94 15.23 -33.80
CA ALA C 149 -11.54 15.69 -32.48
C ALA C 149 -12.05 14.75 -31.39
N ILE C 150 -13.27 14.22 -31.56
CA ILE C 150 -13.81 13.30 -30.56
C ILE C 150 -12.99 12.00 -30.54
N PHE C 151 -12.52 11.58 -31.71
CA PHE C 151 -11.76 10.33 -31.78
C PHE C 151 -10.47 10.44 -30.98
N VAL C 152 -9.80 11.59 -31.03
CA VAL C 152 -8.56 11.77 -30.28
C VAL C 152 -8.83 11.60 -28.79
N ILE C 153 -9.98 12.09 -28.31
CA ILE C 153 -10.37 11.86 -26.93
C ILE C 153 -10.57 10.37 -26.67
N PHE C 154 -11.18 9.68 -27.63
CA PHE C 154 -11.49 8.27 -27.44
C PHE C 154 -10.24 7.40 -27.49
N ILE C 155 -9.12 7.91 -28.00
CA ILE C 155 -7.90 7.12 -28.10
C ILE C 155 -6.93 7.55 -27.01
N THR C 156 -6.94 8.84 -26.68
CA THR C 156 -6.02 9.32 -25.65
C THR C 156 -6.31 8.68 -24.29
N SER C 157 -7.58 8.55 -23.94
CA SER C 157 -7.96 7.99 -22.63
C SER C 157 -8.79 6.73 -22.84
N ILE C 158 -8.10 5.62 -23.09
CA ILE C 158 -8.63 4.28 -22.85
C ILE C 158 -7.58 3.53 -22.06
N TRP C 159 -6.36 3.52 -22.61
CA TRP C 159 -5.26 2.83 -21.93
C TRP C 159 -5.05 3.29 -20.50
N PRO C 160 -5.16 4.58 -20.16
CA PRO C 160 -5.15 4.94 -18.73
C PRO C 160 -6.27 4.28 -17.95
N ILE C 161 -7.37 3.91 -18.62
CA ILE C 161 -8.42 3.12 -17.98
C ILE C 161 -8.20 1.64 -18.19
N LEU C 162 -7.85 1.23 -19.40
CA LEU C 162 -7.64 -0.18 -19.69
C LEU C 162 -6.47 -0.75 -18.91
N LEU C 163 -5.38 0.00 -18.81
CA LEU C 163 -4.20 -0.48 -18.09
C LEU C 163 -4.34 -0.40 -16.58
N ASN C 164 -5.40 0.22 -16.07
CA ASN C 164 -5.70 0.20 -14.65
C ASN C 164 -6.77 -0.81 -14.29
N THR C 165 -7.84 -0.92 -15.08
CA THR C 165 -8.84 -1.95 -14.82
C THR C 165 -8.23 -3.35 -14.94
N THR C 166 -7.45 -3.59 -15.99
CA THR C 166 -6.82 -4.90 -16.17
C THR C 166 -5.87 -5.20 -15.01
N VAL C 167 -5.07 -4.21 -14.60
CA VAL C 167 -4.17 -4.41 -13.48
C VAL C 167 -4.97 -4.58 -12.19
N GLY C 168 -6.08 -3.87 -12.07
CA GLY C 168 -6.91 -4.01 -10.88
C GLY C 168 -7.48 -5.42 -10.73
N VAL C 169 -7.96 -6.00 -11.83
CA VAL C 169 -8.52 -7.34 -11.77
C VAL C 169 -7.46 -8.35 -11.36
N GLN C 170 -6.25 -8.23 -11.91
CA GLN C 170 -5.19 -9.18 -11.59
C GLN C 170 -4.61 -8.97 -10.21
N GLN C 171 -4.95 -7.86 -9.54
CA GLN C 171 -4.51 -7.62 -8.17
C GLN C 171 -5.59 -7.99 -7.15
N ILE C 172 -6.53 -8.84 -7.54
CA ILE C 172 -7.54 -9.34 -6.62
C ILE C 172 -6.82 -10.10 -5.51
N PRO C 173 -6.96 -9.71 -4.24
CA PRO C 173 -6.26 -10.44 -3.18
C PRO C 173 -6.71 -11.89 -3.13
N GLN C 174 -5.76 -12.79 -2.84
CA GLN C 174 -6.08 -14.20 -2.73
C GLN C 174 -7.08 -14.48 -1.61
N ASP C 175 -7.22 -13.56 -0.66
CA ASP C 175 -8.21 -13.74 0.41
C ASP C 175 -9.62 -13.77 -0.16
N TYR C 176 -9.92 -12.89 -1.10
CA TYR C 176 -11.27 -12.82 -1.65
C TYR C 176 -11.56 -14.05 -2.51
N ILE C 177 -10.58 -14.51 -3.29
CA ILE C 177 -10.78 -15.72 -4.08
C ILE C 177 -10.99 -16.93 -3.18
N ASN C 178 -10.19 -17.04 -2.13
CA ASN C 178 -10.27 -18.21 -1.26
C ASN C 178 -11.65 -18.30 -0.60
N VAL C 179 -12.17 -17.18 -0.11
CA VAL C 179 -13.53 -17.18 0.44
C VAL C 179 -14.58 -17.37 -0.64
N ALA C 180 -14.19 -17.26 -1.90
CA ALA C 180 -15.11 -17.53 -3.01
C ALA C 180 -15.06 -18.99 -3.45
N LYS C 181 -13.86 -19.58 -3.52
CA LYS C 181 -13.76 -20.99 -3.87
C LYS C 181 -14.46 -21.87 -2.84
N VAL C 182 -14.25 -21.59 -1.55
CA VAL C 182 -14.85 -22.42 -0.51
C VAL C 182 -16.37 -22.40 -0.64
N LEU C 183 -16.94 -21.25 -0.98
CA LEU C 183 -18.34 -21.19 -1.35
C LEU C 183 -18.51 -21.66 -2.79
N ARG C 184 -19.70 -22.18 -3.09
CA ARG C 184 -20.03 -22.63 -4.44
C ARG C 184 -20.45 -21.43 -5.30
N LEU C 185 -19.53 -20.47 -5.39
CA LEU C 185 -19.77 -19.20 -6.07
C LEU C 185 -18.88 -19.12 -7.30
N LYS C 186 -19.51 -19.13 -8.48
CA LYS C 186 -18.77 -19.03 -9.74
C LYS C 186 -19.76 -18.67 -10.84
N GLY C 187 -19.42 -17.66 -11.64
CA GLY C 187 -20.27 -17.19 -12.71
C GLY C 187 -20.68 -15.74 -12.51
N VAL C 188 -21.85 -15.40 -13.03
CA VAL C 188 -22.35 -14.03 -12.89
C VAL C 188 -22.46 -13.65 -11.42
N LYS C 189 -22.90 -14.58 -10.57
CA LYS C 189 -22.95 -14.31 -9.14
C LYS C 189 -21.57 -13.97 -8.59
N TYR C 190 -20.54 -14.68 -9.01
CA TYR C 190 -19.16 -14.41 -8.62
C TYR C 190 -18.63 -13.11 -9.22
N PHE C 191 -19.35 -12.54 -10.19
CA PHE C 191 -18.85 -11.38 -10.92
C PHE C 191 -19.22 -10.04 -10.30
N PHE C 192 -20.39 -9.92 -9.68
CA PHE C 192 -20.87 -8.64 -9.15
C PHE C 192 -20.66 -8.52 -7.65
N LYS C 193 -19.94 -9.44 -7.02
CA LYS C 193 -19.76 -9.42 -5.58
C LYS C 193 -18.31 -9.51 -5.11
N ILE C 194 -17.41 -10.15 -5.86
CA ILE C 194 -16.08 -10.45 -5.34
C ILE C 194 -14.98 -9.91 -6.25
N VAL C 195 -15.29 -9.73 -7.54
CA VAL C 195 -14.29 -9.31 -8.53
C VAL C 195 -14.52 -7.87 -8.99
N PHE C 196 -15.69 -7.58 -9.54
CA PHE C 196 -15.93 -6.24 -10.06
C PHE C 196 -15.93 -5.19 -8.94
N PRO C 197 -16.62 -5.39 -7.82
CA PRO C 197 -16.55 -4.39 -6.74
C PRO C 197 -15.16 -4.21 -6.17
N ALA C 198 -14.29 -5.20 -6.34
CA ALA C 198 -12.89 -5.07 -5.93
C ALA C 198 -12.04 -4.38 -6.98
N THR C 199 -12.59 -4.10 -8.17
CA THR C 199 -11.88 -3.40 -9.21
C THR C 199 -12.30 -1.94 -9.32
N VAL C 200 -13.45 -1.56 -8.75
CA VAL C 200 -13.93 -0.19 -8.77
C VAL C 200 -12.85 0.74 -8.21
N PRO C 201 -12.17 0.38 -7.12
CA PRO C 201 -11.10 1.27 -6.62
C PRO C 201 -10.03 1.54 -7.66
N TYR C 202 -9.77 0.59 -8.56
CA TYR C 202 -8.76 0.77 -9.59
C TYR C 202 -9.31 1.38 -10.86
N ILE C 203 -10.63 1.33 -11.08
CA ILE C 203 -11.22 2.03 -12.22
C ILE C 203 -11.19 3.54 -11.98
N PHE C 204 -11.47 3.97 -10.76
CA PHE C 204 -11.56 5.39 -10.46
C PHE C 204 -10.21 6.04 -10.22
N THR C 205 -9.14 5.24 -10.05
CA THR C 205 -7.79 5.79 -10.05
C THR C 205 -7.19 5.82 -11.45
N GLY C 206 -7.83 5.19 -12.41
CA GLY C 206 -7.45 5.31 -13.80
C GLY C 206 -8.40 6.21 -14.55
N LEU C 207 -9.69 6.10 -14.23
CA LEU C 207 -10.68 7.02 -14.80
C LEU C 207 -10.34 8.46 -14.43
N ARG C 208 -9.78 8.66 -13.23
CA ARG C 208 -9.30 9.99 -12.86
C ARG C 208 -8.17 10.43 -13.78
N ILE C 209 -7.27 9.50 -14.12
CA ILE C 209 -6.20 9.81 -15.06
C ILE C 209 -6.77 10.07 -16.45
N GLY C 210 -7.80 9.33 -16.83
CA GLY C 210 -8.44 9.52 -18.12
C GLY C 210 -8.87 10.96 -18.33
N ILE C 211 -9.84 11.42 -17.53
CA ILE C 211 -10.22 12.83 -17.58
C ILE C 211 -9.12 13.64 -16.93
N GLY C 212 -8.59 14.62 -17.67
CA GLY C 212 -7.38 15.31 -17.27
C GLY C 212 -6.28 15.04 -18.28
N LEU C 213 -6.22 13.79 -18.75
CA LEU C 213 -5.40 13.43 -19.90
C LEU C 213 -6.22 13.44 -21.20
N SER C 214 -7.54 13.48 -21.10
CA SER C 214 -8.41 13.64 -22.25
C SER C 214 -8.74 15.11 -22.49
N TRP C 215 -9.12 15.83 -21.42
CA TRP C 215 -9.29 17.27 -21.51
C TRP C 215 -8.02 17.92 -22.03
N LEU C 216 -6.86 17.35 -21.69
CA LEU C 216 -5.60 17.84 -22.24
C LEU C 216 -5.60 17.70 -23.76
N ALA C 217 -6.14 16.60 -24.27
CA ALA C 217 -6.09 16.36 -25.71
C ALA C 217 -7.08 17.23 -26.46
N ILE C 218 -8.24 17.51 -25.88
CA ILE C 218 -9.27 18.28 -26.58
C ILE C 218 -9.06 19.78 -26.51
N VAL C 219 -8.19 20.25 -25.63
CA VAL C 219 -7.83 21.66 -25.60
C VAL C 219 -6.55 21.93 -26.38
N ALA C 220 -5.80 20.89 -26.75
CA ALA C 220 -4.63 21.02 -27.60
C ALA C 220 -4.90 20.53 -29.02
N ALA C 221 -5.64 19.43 -29.18
CA ALA C 221 -6.02 18.98 -30.51
C ALA C 221 -7.04 19.89 -31.17
N GLU C 222 -7.65 20.81 -30.42
CA GLU C 222 -8.51 21.82 -31.00
C GLU C 222 -7.76 23.08 -31.41
N MET C 223 -6.48 23.18 -31.06
CA MET C 223 -5.67 24.30 -31.52
C MET C 223 -5.25 24.14 -32.98
N LEU C 224 -5.37 22.94 -33.52
CA LEU C 224 -4.94 22.63 -34.87
C LEU C 224 -6.09 22.50 -35.86
N VAL C 225 -7.22 21.92 -35.42
CA VAL C 225 -8.36 21.72 -36.30
C VAL C 225 -9.31 22.90 -36.32
N GLY C 226 -9.07 23.90 -35.49
CA GLY C 226 -9.96 25.04 -35.48
C GLY C 226 -11.33 24.67 -34.92
N GLY C 227 -12.28 25.58 -35.14
CA GLY C 227 -13.64 25.37 -34.69
C GLY C 227 -14.06 26.32 -33.60
N VAL C 228 -15.00 25.89 -32.75
CA VAL C 228 -15.50 26.69 -31.64
C VAL C 228 -15.14 25.99 -30.35
N GLY C 229 -14.55 26.73 -29.43
CA GLY C 229 -14.09 26.18 -28.16
C GLY C 229 -12.66 26.57 -27.88
N ILE C 230 -12.25 26.50 -26.61
CA ILE C 230 -10.89 26.87 -26.26
C ILE C 230 -9.93 26.03 -27.08
N GLY C 231 -8.86 26.65 -27.55
CA GLY C 231 -8.01 26.06 -28.57
C GLY C 231 -8.19 26.82 -29.86
N SER C 232 -9.43 27.17 -30.17
CA SER C 232 -9.76 28.15 -31.19
C SER C 232 -9.96 29.53 -30.61
N PHE C 233 -9.76 29.70 -29.30
CA PHE C 233 -9.76 30.99 -28.64
C PHE C 233 -8.43 31.28 -27.96
N ILE C 234 -7.89 30.32 -27.21
CA ILE C 234 -6.58 30.52 -26.59
C ILE C 234 -5.51 30.66 -27.66
N TRP C 235 -5.63 29.93 -28.76
CA TRP C 235 -4.81 30.15 -29.95
C TRP C 235 -5.75 30.44 -31.10
N ASP C 236 -6.26 31.66 -31.14
CA ASP C 236 -6.73 32.27 -32.38
C ASP C 236 -6.47 33.76 -32.36
N ALA C 237 -5.88 34.30 -31.30
CA ALA C 237 -5.60 35.72 -31.16
C ALA C 237 -4.11 36.00 -31.03
N TYR C 238 -3.31 35.01 -30.62
CA TYR C 238 -1.87 35.18 -30.59
C TYR C 238 -1.30 35.44 -31.98
N ASN C 239 -1.79 34.72 -32.98
CA ASN C 239 -1.33 34.96 -34.35
C ASN C 239 -1.69 36.36 -34.81
N THR C 240 -2.91 36.81 -34.49
CA THR C 240 -3.38 38.14 -34.90
C THR C 240 -3.00 39.12 -33.81
N THR C 241 -1.85 39.76 -33.98
CA THR C 241 -1.38 40.73 -32.99
C THR C 241 -2.23 42.00 -33.02
N THR C 242 -2.69 42.43 -31.85
CA THR C 242 -3.50 43.64 -31.71
C THR C 242 -3.23 44.22 -30.33
N GLU C 243 -3.69 45.45 -30.12
CA GLU C 243 -3.53 46.08 -28.83
C GLU C 243 -4.17 45.22 -27.74
N THR C 244 -3.44 45.01 -26.66
CA THR C 244 -3.89 44.17 -25.55
C THR C 244 -4.29 42.78 -26.04
N ASN C 245 -3.47 42.23 -26.94
CA ASN C 245 -3.72 40.89 -27.46
C ASN C 245 -3.57 39.84 -26.36
N LEU C 246 -2.48 39.90 -25.62
CA LEU C 246 -2.21 38.89 -24.60
C LEU C 246 -3.18 38.95 -23.43
N SER C 247 -3.97 40.02 -23.32
CA SER C 247 -4.89 40.13 -22.20
C SER C 247 -5.94 39.02 -22.21
N GLU C 248 -6.47 38.69 -23.40
CA GLU C 248 -7.51 37.67 -23.50
C GLU C 248 -6.94 36.27 -23.66
N ILE C 249 -5.63 36.10 -23.65
CA ILE C 249 -5.03 34.77 -23.61
C ILE C 249 -4.83 34.31 -22.17
N ILE C 250 -4.36 35.20 -21.29
CA ILE C 250 -4.17 34.85 -19.90
C ILE C 250 -5.51 34.53 -19.24
N LEU C 251 -6.55 35.26 -19.63
CA LEU C 251 -7.88 34.99 -19.07
C LEU C 251 -8.32 33.56 -19.37
N ALA C 252 -8.11 33.11 -20.61
CA ALA C 252 -8.43 31.73 -20.95
C ALA C 252 -7.55 30.76 -20.18
N LEU C 253 -6.26 31.09 -20.03
CA LEU C 253 -5.37 30.23 -19.26
C LEU C 253 -5.79 30.12 -17.81
N ILE C 254 -6.56 31.08 -17.30
CA ILE C 254 -7.11 30.94 -15.96
C ILE C 254 -8.42 30.17 -15.99
N TYR C 255 -9.29 30.46 -16.98
CA TYR C 255 -10.51 29.68 -17.12
C TYR C 255 -10.18 28.21 -17.36
N VAL C 256 -9.20 27.94 -18.22
CA VAL C 256 -8.59 26.61 -18.25
C VAL C 256 -7.70 26.48 -17.01
N GLY C 257 -7.54 25.25 -16.54
CA GLY C 257 -6.80 24.99 -15.33
C GLY C 257 -7.64 25.06 -14.06
N LEU C 258 -8.81 25.68 -14.12
CA LEU C 258 -9.81 25.56 -13.07
C LEU C 258 -11.05 24.82 -13.49
N VAL C 259 -11.45 24.95 -14.77
CA VAL C 259 -12.42 24.00 -15.32
C VAL C 259 -11.77 22.63 -15.48
N GLY C 260 -10.48 22.60 -15.80
CA GLY C 260 -9.72 21.36 -15.76
C GLY C 260 -9.36 20.91 -14.37
N LEU C 261 -9.57 21.76 -13.37
CA LEU C 261 -9.48 21.35 -11.98
C LEU C 261 -10.81 20.83 -11.45
N LEU C 262 -11.93 21.34 -11.96
CA LEU C 262 -13.23 20.78 -11.63
C LEU C 262 -13.61 19.68 -12.63
N LEU C 263 -12.61 18.83 -12.92
CA LEU C 263 -12.84 17.52 -13.54
C LEU C 263 -11.99 16.43 -12.91
N ASP C 264 -10.87 16.77 -12.27
CA ASP C 264 -10.11 15.82 -11.47
C ASP C 264 -10.66 15.70 -10.07
N ARG C 265 -11.22 16.79 -9.53
CA ARG C 265 -11.91 16.73 -8.24
C ARG C 265 -13.27 16.07 -8.36
N LEU C 266 -13.95 16.25 -9.49
CA LEU C 266 -15.26 15.63 -9.68
C LEU C 266 -15.16 14.11 -9.59
N VAL C 267 -14.21 13.52 -10.31
CA VAL C 267 -13.99 12.08 -10.20
C VAL C 267 -13.48 11.73 -8.81
N GLY C 268 -12.61 12.58 -8.26
CA GLY C 268 -12.17 12.36 -6.89
C GLY C 268 -13.31 12.40 -5.90
N PHE C 269 -14.27 13.30 -6.13
CA PHE C 269 -15.46 13.34 -5.28
C PHE C 269 -16.32 12.11 -5.47
N VAL C 270 -16.58 11.73 -6.73
CA VAL C 270 -17.40 10.57 -7.00
C VAL C 270 -16.68 9.29 -6.56
N ALA C 271 -15.36 9.25 -6.73
CA ALA C 271 -14.60 8.07 -6.36
C ALA C 271 -14.76 7.76 -4.88
N SER C 272 -14.65 8.78 -4.03
CA SER C 272 -14.76 8.58 -2.59
C SER C 272 -16.16 8.17 -2.16
N LYS C 273 -17.18 8.38 -2.99
CA LYS C 273 -18.54 8.00 -2.66
C LYS C 273 -18.89 6.57 -3.04
N VAL C 274 -18.04 5.91 -3.82
CA VAL C 274 -18.32 4.54 -4.28
C VAL C 274 -17.13 3.65 -4.04
N VAL C 275 -16.01 4.23 -3.58
CA VAL C 275 -14.80 3.43 -3.37
C VAL C 275 -15.09 2.31 -2.38
N ALA C 276 -14.34 1.22 -2.51
CA ALA C 276 -14.55 0.05 -1.65
C ALA C 276 -14.13 0.32 -0.21
N ASP C 277 -13.43 1.41 0.06
CA ASP C 277 -13.01 1.73 1.42
C ASP C 277 -12.13 0.64 1.99
N THR D 3 -17.29 -43.66 10.90
CA THR D 3 -16.72 -42.45 11.43
C THR D 3 -17.20 -41.22 10.66
N PHE D 4 -17.44 -40.13 11.38
CA PHE D 4 -17.91 -38.89 10.75
C PHE D 4 -16.91 -38.39 9.73
N VAL D 5 -15.63 -38.71 9.96
CA VAL D 5 -14.57 -38.40 9.00
C VAL D 5 -13.53 -39.50 9.11
N GLU D 6 -12.94 -39.88 7.97
CA GLU D 6 -12.05 -41.03 7.92
C GLU D 6 -10.80 -40.68 7.11
N ILE D 7 -10.16 -39.56 7.47
CA ILE D 7 -8.90 -39.19 6.83
C ILE D 7 -7.94 -40.37 6.97
N ASP D 8 -7.51 -40.93 5.84
CA ASP D 8 -6.72 -42.15 5.84
C ASP D 8 -5.77 -42.13 4.64
N HIS D 9 -4.53 -42.54 4.88
CA HIS D 9 -3.50 -42.56 3.85
C HIS D 9 -3.49 -41.27 3.04
N VAL D 10 -3.69 -40.13 3.69
CA VAL D 10 -3.65 -38.83 3.03
C VAL D 10 -2.20 -38.38 2.98
N ASP D 11 -1.62 -38.36 1.79
CA ASP D 11 -0.23 -37.96 1.59
C ASP D 11 -0.16 -36.96 0.44
N ARG D 12 0.74 -36.00 0.56
CA ARG D 12 0.93 -34.96 -0.45
C ARG D 12 2.40 -34.83 -0.77
N ILE D 13 2.72 -34.76 -2.06
CA ILE D 13 4.08 -34.58 -2.54
C ILE D 13 4.08 -33.46 -3.56
N PHE D 14 5.00 -32.50 -3.39
CA PHE D 14 5.11 -31.34 -4.26
C PHE D 14 6.21 -31.58 -5.27
N ASP D 15 5.87 -31.50 -6.56
CA ASP D 15 6.83 -31.65 -7.64
C ASP D 15 7.46 -30.29 -7.90
N LEU D 16 8.52 -29.99 -7.16
CA LEU D 16 9.19 -28.71 -7.31
C LEU D 16 9.76 -28.58 -8.72
N PRO D 17 9.56 -27.45 -9.41
CA PRO D 17 10.05 -27.36 -10.79
C PRO D 17 11.54 -27.58 -10.92
N ASN D 18 12.33 -27.21 -9.91
CA ASN D 18 13.78 -27.40 -9.98
C ASN D 18 14.18 -28.87 -9.95
N GLY D 19 13.25 -29.78 -9.65
CA GLY D 19 13.55 -31.19 -9.55
C GLY D 19 13.71 -31.71 -8.14
N GLY D 20 13.62 -30.84 -7.13
CA GLY D 20 13.73 -31.31 -5.76
C GLY D 20 12.61 -32.27 -5.38
N ARG D 21 11.40 -32.02 -5.88
CA ARG D 21 10.24 -32.86 -5.59
C ARG D 21 9.99 -32.94 -4.09
N TYR D 22 9.71 -31.78 -3.50
CA TYR D 22 9.48 -31.70 -2.07
C TYR D 22 8.30 -32.57 -1.66
N ILE D 23 8.46 -33.29 -0.55
CA ILE D 23 7.43 -34.14 0.02
C ILE D 23 7.14 -33.64 1.42
N ALA D 24 5.85 -33.48 1.74
CA ALA D 24 5.44 -32.92 3.02
C ALA D 24 4.72 -33.94 3.90
N LEU D 25 3.66 -34.57 3.39
CA LEU D 25 2.84 -35.48 4.17
C LEU D 25 3.11 -36.91 3.73
N LYS D 26 3.46 -37.78 4.68
CA LYS D 26 3.83 -39.16 4.40
C LYS D 26 2.79 -40.17 4.86
N ASN D 27 2.21 -39.98 6.04
CA ASN D 27 1.22 -40.93 6.56
C ASN D 27 0.41 -40.24 7.64
N ILE D 28 -0.90 -40.12 7.41
CA ILE D 28 -1.81 -39.45 8.34
C ILE D 28 -3.03 -40.32 8.53
N GLU D 29 -3.43 -40.54 9.78
CA GLU D 29 -4.61 -41.31 10.12
C GLU D 29 -5.44 -40.54 11.15
N LEU D 30 -6.75 -40.52 10.93
CA LEU D 30 -7.65 -39.85 11.86
C LEU D 30 -8.99 -40.57 11.86
N LYS D 31 -9.70 -40.43 12.97
CA LYS D 31 -11.03 -41.02 13.12
C LYS D 31 -11.96 -40.00 13.77
N ILE D 32 -11.91 -38.75 13.30
CA ILE D 32 -12.71 -37.67 13.86
C ILE D 32 -14.16 -38.11 13.92
N LYS D 33 -14.74 -38.11 15.11
CA LYS D 33 -16.11 -38.57 15.31
C LYS D 33 -17.07 -37.39 15.27
N GLN D 34 -18.34 -37.65 15.59
CA GLN D 34 -19.36 -36.61 15.59
C GLN D 34 -19.27 -35.78 16.86
N GLY D 35 -19.46 -34.47 16.70
CA GLY D 35 -19.44 -33.58 17.84
C GLY D 35 -18.15 -33.63 18.62
N GLU D 36 -17.02 -33.70 17.93
CA GLU D 36 -15.70 -33.75 18.55
C GLU D 36 -14.84 -32.61 18.03
N PHE D 37 -14.17 -31.91 18.94
CA PHE D 37 -13.26 -30.82 18.60
C PHE D 37 -11.85 -31.37 18.52
N VAL D 38 -11.15 -31.07 17.43
CA VAL D 38 -9.81 -31.58 17.18
C VAL D 38 -8.91 -30.42 16.79
N SER D 39 -7.67 -30.44 17.27
CA SER D 39 -6.70 -29.38 17.00
C SER D 39 -5.41 -29.99 16.50
N LEU D 40 -4.80 -29.32 15.51
CA LEU D 40 -3.52 -29.72 14.95
C LEU D 40 -2.44 -28.79 15.52
N ILE D 41 -1.49 -29.36 16.24
CA ILE D 41 -0.38 -28.61 16.83
C ILE D 41 0.91 -29.14 16.22
N GLY D 42 1.67 -28.24 15.59
CA GLY D 42 2.92 -28.61 14.95
C GLY D 42 3.99 -27.58 15.21
N HIS D 43 5.18 -27.86 14.69
CA HIS D 43 6.33 -26.98 14.84
C HIS D 43 6.39 -25.87 13.80
N SER D 44 5.26 -25.58 13.14
CA SER D 44 5.16 -24.52 12.15
C SER D 44 5.91 -24.86 10.86
N GLY D 45 6.49 -26.06 10.80
CA GLY D 45 7.16 -26.50 9.59
C GLY D 45 6.76 -27.90 9.17
N CYS D 46 6.06 -28.61 10.05
CA CYS D 46 5.60 -29.96 9.73
C CYS D 46 4.55 -29.95 8.62
N GLY D 47 3.78 -28.89 8.50
CA GLY D 47 2.70 -28.82 7.54
C GLY D 47 1.35 -29.04 8.19
N LYS D 48 0.64 -27.95 8.47
CA LYS D 48 -0.67 -28.03 9.10
C LYS D 48 -1.71 -27.34 8.22
N SER D 49 -1.34 -26.18 7.66
CA SER D 49 -2.24 -25.52 6.72
C SER D 49 -2.48 -26.38 5.49
N THR D 50 -1.43 -27.03 4.98
CA THR D 50 -1.60 -27.94 3.85
C THR D 50 -2.51 -29.09 4.21
N LEU D 51 -2.27 -29.72 5.37
CA LEU D 51 -3.11 -30.83 5.80
C LEU D 51 -4.55 -30.36 5.99
N LEU D 52 -4.74 -29.20 6.62
CA LEU D 52 -6.09 -28.66 6.76
C LEU D 52 -6.70 -28.37 5.40
N ASN D 53 -5.91 -27.83 4.48
CA ASN D 53 -6.41 -27.55 3.13
C ASN D 53 -6.97 -28.80 2.47
N ILE D 54 -6.36 -29.96 2.72
CA ILE D 54 -6.85 -31.20 2.14
C ILE D 54 -8.30 -31.44 2.55
N ILE D 55 -8.58 -31.30 3.86
CA ILE D 55 -9.95 -31.41 4.32
C ILE D 55 -10.80 -30.29 3.74
N ALA D 56 -10.26 -29.07 3.70
CA ALA D 56 -11.01 -27.94 3.16
C ALA D 56 -11.38 -28.17 1.70
N GLY D 57 -10.56 -28.93 0.98
CA GLY D 57 -10.79 -29.17 -0.44
C GLY D 57 -10.04 -28.23 -1.36
N LEU D 58 -9.44 -27.17 -0.83
CA LEU D 58 -8.66 -26.26 -1.66
C LEU D 58 -7.42 -26.94 -2.23
N ASP D 59 -7.03 -28.09 -1.68
CA ASP D 59 -5.93 -28.89 -2.19
C ASP D 59 -6.36 -30.34 -2.26
N ARG D 60 -5.74 -31.09 -3.17
CA ARG D 60 -6.07 -32.49 -3.39
C ARG D 60 -4.88 -33.36 -3.01
N ALA D 61 -5.14 -34.40 -2.22
CA ALA D 61 -4.07 -35.29 -1.79
C ALA D 61 -3.52 -36.06 -2.97
N SER D 62 -2.19 -36.08 -3.09
CA SER D 62 -1.56 -36.80 -4.20
C SER D 62 -1.82 -38.31 -4.10
N ILE D 63 -1.74 -38.86 -2.90
CA ILE D 63 -1.97 -40.28 -2.66
C ILE D 63 -3.08 -40.40 -1.62
N GLY D 64 -4.04 -41.29 -1.90
CA GLY D 64 -5.17 -41.44 -1.00
C GLY D 64 -6.12 -40.26 -1.12
N GLY D 65 -7.03 -40.17 -0.16
CA GLY D 65 -8.00 -39.10 -0.14
C GLY D 65 -8.85 -39.14 1.10
N VAL D 66 -9.48 -38.00 1.38
CA VAL D 66 -10.37 -37.92 2.54
C VAL D 66 -11.66 -38.67 2.26
N THR D 67 -12.32 -39.09 3.34
CA THR D 67 -13.52 -39.91 3.25
C THR D 67 -14.58 -39.37 4.21
N LEU D 68 -14.82 -38.07 4.13
CA LEU D 68 -15.79 -37.43 5.03
C LEU D 68 -17.16 -38.10 4.91
N GLU D 69 -17.75 -38.44 6.05
CA GLU D 69 -19.06 -39.08 6.11
C GLU D 69 -19.15 -40.24 5.12
N GLY D 70 -18.09 -41.04 5.06
CA GLY D 70 -18.10 -42.20 4.19
C GLY D 70 -18.26 -41.87 2.72
N ARG D 71 -17.71 -40.74 2.28
CA ARG D 71 -17.72 -40.37 0.87
C ARG D 71 -16.52 -39.50 0.58
N GLU D 72 -16.14 -39.46 -0.70
CA GLU D 72 -14.97 -38.71 -1.13
C GLU D 72 -15.33 -37.24 -1.34
N ILE D 73 -14.40 -36.36 -0.96
CA ILE D 73 -14.53 -34.94 -1.23
C ILE D 73 -13.76 -34.62 -2.51
N ARG D 74 -14.44 -33.98 -3.46
CA ARG D 74 -13.84 -33.63 -4.75
C ARG D 74 -13.41 -32.17 -4.82
N GLU D 75 -14.30 -31.25 -4.48
CA GLU D 75 -14.05 -29.82 -4.58
C GLU D 75 -14.50 -29.14 -3.30
N PRO D 76 -14.04 -27.91 -3.05
CA PRO D 76 -14.50 -27.18 -1.87
C PRO D 76 -16.02 -27.04 -1.88
N SER D 77 -16.61 -27.16 -0.70
CA SER D 77 -18.05 -27.17 -0.51
C SER D 77 -18.42 -26.19 0.59
N PRO D 78 -19.66 -25.69 0.59
CA PRO D 78 -20.09 -24.80 1.67
C PRO D 78 -20.52 -25.53 2.94
N ASP D 79 -20.39 -26.85 2.97
CA ASP D 79 -20.60 -27.62 4.19
C ASP D 79 -19.29 -27.88 4.93
N ARG D 80 -18.18 -27.32 4.47
CA ARG D 80 -16.88 -27.38 5.12
C ARG D 80 -16.27 -25.99 5.19
N MET D 81 -17.10 -25.01 5.57
CA MET D 81 -16.65 -23.63 5.59
C MET D 81 -15.44 -23.48 6.51
N VAL D 82 -14.48 -22.67 6.08
CA VAL D 82 -13.22 -22.53 6.78
C VAL D 82 -13.08 -21.12 7.32
N VAL D 83 -12.01 -20.87 8.07
CA VAL D 83 -11.68 -19.55 8.59
C VAL D 83 -10.19 -19.34 8.36
N PHE D 84 -9.84 -18.45 7.44
CA PHE D 84 -8.46 -18.32 7.01
C PHE D 84 -7.65 -17.48 8.00
N GLN D 85 -6.33 -17.60 7.90
CA GLN D 85 -5.45 -16.79 8.74
C GLN D 85 -5.64 -15.30 8.45
N ASN D 86 -5.35 -14.90 7.22
CA ASN D 86 -5.60 -13.52 6.81
C ASN D 86 -7.09 -13.21 6.90
N TYR D 87 -7.42 -12.01 7.35
CA TYR D 87 -8.81 -11.62 7.48
C TYR D 87 -9.51 -11.78 6.14
N SER D 88 -10.48 -12.71 6.09
CA SER D 88 -11.18 -13.06 4.86
C SER D 88 -12.45 -12.25 4.67
N LEU D 89 -12.49 -11.04 5.23
CA LEU D 89 -13.65 -10.18 5.11
C LEU D 89 -13.61 -9.40 3.80
N LEU D 90 -14.78 -8.91 3.39
CA LEU D 90 -14.88 -8.09 2.20
C LEU D 90 -15.03 -6.63 2.63
N PRO D 91 -14.03 -5.77 2.40
CA PRO D 91 -14.11 -4.41 2.96
C PRO D 91 -15.28 -3.59 2.45
N TRP D 92 -15.82 -3.91 1.27
CA TRP D 92 -16.91 -3.12 0.71
C TRP D 92 -18.29 -3.58 1.18
N LEU D 93 -18.36 -4.58 2.06
CA LEU D 93 -19.60 -5.02 2.66
C LEU D 93 -19.53 -4.86 4.16
N THR D 94 -20.59 -4.33 4.76
CA THR D 94 -20.62 -4.15 6.20
C THR D 94 -20.77 -5.50 6.90
N VAL D 95 -20.67 -5.48 8.22
CA VAL D 95 -20.63 -6.72 8.99
C VAL D 95 -21.87 -7.55 8.73
N ARG D 96 -23.05 -6.94 8.81
CA ARG D 96 -24.29 -7.68 8.58
C ARG D 96 -24.40 -8.18 7.15
N GLU D 97 -23.67 -7.58 6.20
CA GLU D 97 -23.71 -8.02 4.81
C GLU D 97 -22.71 -9.13 4.53
N ASN D 98 -21.58 -9.16 5.24
CA ASN D 98 -20.61 -10.22 5.04
C ASN D 98 -21.21 -11.58 5.37
N VAL D 99 -21.92 -11.68 6.51
CA VAL D 99 -22.58 -12.93 6.87
C VAL D 99 -23.62 -13.30 5.82
N ALA D 100 -24.35 -12.30 5.32
CA ALA D 100 -25.34 -12.56 4.28
C ALA D 100 -24.70 -13.14 3.04
N LEU D 101 -23.40 -12.93 2.84
CA LEU D 101 -22.73 -13.50 1.68
C LEU D 101 -22.75 -15.01 1.71
N ALA D 102 -22.44 -15.62 2.86
CA ALA D 102 -22.39 -17.07 2.95
C ALA D 102 -23.77 -17.70 3.03
N VAL D 103 -24.71 -17.04 3.71
CA VAL D 103 -26.04 -17.63 3.88
C VAL D 103 -26.75 -17.79 2.55
N ASP D 104 -26.55 -16.83 1.63
CA ASP D 104 -27.24 -16.90 0.34
C ASP D 104 -26.78 -18.09 -0.49
N GLU D 105 -25.55 -18.56 -0.29
CA GLU D 105 -25.00 -19.66 -1.07
C GLU D 105 -25.27 -21.03 -0.46
N VAL D 106 -25.94 -21.08 0.68
CA VAL D 106 -26.32 -22.35 1.30
C VAL D 106 -27.84 -22.37 1.43
N TYR D 107 -28.42 -21.29 1.92
CA TYR D 107 -29.87 -21.13 1.90
C TYR D 107 -30.29 -20.62 0.53
N GLN D 108 -29.92 -21.34 -0.53
CA GLN D 108 -30.24 -20.92 -1.88
C GLN D 108 -31.72 -21.16 -2.15
N GLY D 109 -32.56 -20.23 -1.69
CA GLY D 109 -33.99 -20.41 -1.74
C GLY D 109 -34.63 -20.02 -0.42
N LYS D 110 -35.30 -20.97 0.23
CA LYS D 110 -35.91 -20.71 1.52
C LYS D 110 -36.79 -19.47 1.45
N SER D 111 -36.50 -18.47 2.29
CA SER D 111 -37.22 -17.21 2.25
C SER D 111 -36.28 -16.08 2.66
N LYS D 112 -36.31 -14.99 1.89
CA LYS D 112 -35.45 -13.86 2.19
C LYS D 112 -35.79 -13.27 3.56
N GLY D 113 -37.07 -13.16 3.87
CA GLY D 113 -37.46 -12.64 5.18
C GLY D 113 -36.87 -13.46 6.32
N GLU D 114 -36.90 -14.79 6.18
CA GLU D 114 -36.29 -15.64 7.19
C GLU D 114 -34.79 -15.39 7.28
N ARG D 115 -34.12 -15.28 6.13
CA ARG D 115 -32.66 -15.16 6.13
C ARG D 115 -32.21 -13.95 6.93
N ARG D 116 -32.99 -12.86 6.91
CA ARG D 116 -32.62 -11.68 7.69
C ARG D 116 -32.54 -12.01 9.17
N ALA D 117 -33.51 -12.78 9.68
CA ALA D 117 -33.46 -13.18 11.08
C ALA D 117 -32.27 -14.10 11.36
N ILE D 118 -31.98 -15.03 10.44
CA ILE D 118 -30.93 -16.01 10.69
C ILE D 118 -29.58 -15.32 10.88
N ILE D 119 -29.26 -14.38 9.99
CA ILE D 119 -27.98 -13.68 10.08
C ILE D 119 -27.94 -12.83 11.34
N GLU D 120 -29.07 -12.21 11.69
CA GLU D 120 -29.11 -11.38 12.89
C GLU D 120 -28.79 -12.19 14.13
N GLU D 121 -29.39 -13.38 14.26
CA GLU D 121 -29.12 -14.21 15.44
C GLU D 121 -27.72 -14.79 15.41
N HIS D 122 -27.13 -14.94 14.22
CA HIS D 122 -25.80 -15.53 14.11
C HIS D 122 -24.67 -14.52 14.28
N ILE D 123 -24.99 -13.22 14.34
CA ILE D 123 -23.98 -12.21 14.64
C ILE D 123 -24.08 -11.71 16.07
N ASP D 124 -24.92 -12.33 16.90
CA ASP D 124 -25.10 -11.93 18.29
C ASP D 124 -24.47 -12.90 19.27
N MET D 125 -24.71 -14.21 19.11
CA MET D 125 -24.13 -15.18 20.03
C MET D 125 -22.62 -15.15 19.98
N VAL D 126 -22.04 -15.03 18.78
CA VAL D 126 -20.60 -14.89 18.65
C VAL D 126 -20.10 -13.63 19.31
N GLY D 127 -20.99 -12.65 19.54
CA GLY D 127 -20.63 -11.38 20.12
C GLY D 127 -21.18 -10.22 19.29
N LEU D 128 -20.35 -9.20 19.10
CA LEU D 128 -20.73 -8.06 18.28
C LEU D 128 -22.05 -7.46 18.78
N ARG D 129 -23.11 -7.58 17.98
CA ARG D 129 -24.45 -7.08 18.31
C ARG D 129 -24.49 -5.55 18.27
N LEU D 130 -23.33 -4.93 18.08
CA LEU D 130 -23.22 -3.47 17.95
C LEU D 130 -22.39 -3.08 16.73
N ALA D 131 -21.44 -3.93 16.34
CA ALA D 131 -20.61 -3.68 15.17
C ALA D 131 -21.40 -3.90 13.88
N ALA D 132 -22.60 -4.46 14.00
CA ALA D 132 -23.45 -4.65 12.83
C ALA D 132 -23.64 -3.31 12.11
N ASN D 133 -23.53 -3.31 10.79
CA ASN D 133 -23.60 -2.09 10.00
C ASN D 133 -22.39 -1.19 10.27
N LYS D 134 -21.21 -1.79 10.36
CA LYS D 134 -19.96 -1.08 10.54
C LYS D 134 -18.94 -1.65 9.57
N ARG D 135 -18.36 -0.79 8.74
CA ARG D 135 -17.48 -1.25 7.67
C ARG D 135 -16.29 -2.03 8.24
N PRO D 136 -15.92 -3.16 7.60
CA PRO D 136 -14.77 -3.92 8.11
C PRO D 136 -13.43 -3.31 7.71
N SER D 137 -13.29 -2.00 7.85
CA SER D 137 -12.03 -1.31 7.63
C SER D 137 -11.60 -0.47 8.84
N GLU D 138 -12.46 -0.29 9.84
CA GLU D 138 -12.12 0.43 11.06
C GLU D 138 -12.38 -0.42 12.30
N LEU D 139 -12.73 -1.69 12.12
CA LEU D 139 -12.98 -2.59 13.24
C LEU D 139 -11.66 -3.00 13.89
N SER D 140 -11.75 -3.41 15.15
CA SER D 140 -10.56 -3.86 15.87
C SER D 140 -10.01 -5.14 15.24
N GLY D 141 -8.71 -5.34 15.41
CA GLY D 141 -8.08 -6.52 14.85
C GLY D 141 -8.71 -7.81 15.33
N GLY D 142 -9.06 -7.87 16.61
CA GLY D 142 -9.73 -9.05 17.15
C GLY D 142 -11.21 -9.11 16.83
N MET D 143 -11.81 -8.00 16.41
CA MET D 143 -13.21 -7.99 16.03
C MET D 143 -13.43 -8.42 14.59
N LYS D 144 -12.43 -8.22 13.73
CA LYS D 144 -12.52 -8.66 12.34
C LYS D 144 -12.49 -10.18 12.20
N GLN D 145 -12.13 -10.90 13.26
CA GLN D 145 -12.05 -12.35 13.23
C GLN D 145 -13.32 -13.03 13.74
N ARG D 146 -13.90 -12.54 14.83
CA ARG D 146 -15.13 -13.14 15.34
C ARG D 146 -16.26 -13.06 14.34
N VAL D 147 -16.25 -12.06 13.45
CA VAL D 147 -17.23 -12.02 12.37
C VAL D 147 -16.99 -13.14 11.38
N ALA D 148 -15.72 -13.44 11.08
CA ALA D 148 -15.41 -14.54 10.18
C ALA D 148 -15.93 -15.86 10.73
N ILE D 149 -15.75 -16.09 12.04
CA ILE D 149 -16.29 -17.29 12.67
C ILE D 149 -17.82 -17.29 12.57
N ALA D 150 -18.43 -16.11 12.67
CA ALA D 150 -19.89 -16.03 12.55
C ALA D 150 -20.34 -16.49 11.17
N ARG D 151 -19.60 -16.13 10.13
CA ARG D 151 -19.96 -16.53 8.77
C ARG D 151 -19.99 -18.05 8.65
N ALA D 152 -18.98 -18.72 9.21
CA ALA D 152 -18.90 -20.17 9.06
C ALA D 152 -20.01 -20.87 9.84
N LEU D 153 -20.27 -20.43 11.07
CA LEU D 153 -21.33 -21.04 11.86
C LEU D 153 -22.70 -20.75 11.28
N ALA D 154 -22.90 -19.57 10.70
CA ALA D 154 -24.18 -19.24 10.09
C ALA D 154 -24.54 -20.22 8.98
N THR D 155 -23.54 -20.77 8.29
CA THR D 155 -23.80 -21.74 7.24
C THR D 155 -24.43 -23.02 7.77
N ARG D 156 -24.27 -23.31 9.07
CA ARG D 156 -24.76 -24.55 9.64
C ARG D 156 -24.11 -25.73 8.94
N PRO D 157 -22.79 -25.85 8.99
CA PRO D 157 -22.10 -26.91 8.24
C PRO D 157 -21.92 -28.18 9.05
N LYS D 158 -21.62 -29.26 8.33
CA LYS D 158 -21.28 -30.53 8.97
C LYS D 158 -19.84 -30.53 9.48
N LEU D 159 -19.03 -29.55 9.09
CA LEU D 159 -17.66 -29.42 9.54
C LEU D 159 -17.30 -27.94 9.53
N LEU D 160 -16.31 -27.57 10.33
CA LEU D 160 -15.92 -26.16 10.44
C LEU D 160 -14.41 -26.10 10.70
N LEU D 161 -13.65 -25.95 9.63
CA LEU D 161 -12.20 -25.85 9.73
C LEU D 161 -11.80 -24.45 10.22
N LEU D 162 -10.74 -24.40 11.02
CA LEU D 162 -10.18 -23.15 11.52
C LEU D 162 -8.68 -23.16 11.27
N ASP D 163 -8.27 -22.72 10.08
CA ASP D 163 -6.87 -22.40 9.89
C ASP D 163 -6.49 -21.31 10.89
N GLU D 164 -5.26 -21.38 11.41
CA GLU D 164 -4.89 -20.58 12.57
C GLU D 164 -5.35 -19.14 12.37
N PRO D 165 -6.41 -18.69 13.06
CA PRO D 165 -6.86 -17.31 12.89
C PRO D 165 -6.14 -16.35 13.82
N PHE D 166 -5.66 -16.88 14.95
CA PHE D 166 -5.17 -16.06 16.04
C PHE D 166 -3.66 -15.88 15.91
N GLY D 167 -3.26 -15.37 14.75
CA GLY D 167 -1.86 -15.13 14.47
C GLY D 167 -1.50 -13.66 14.55
N ALA D 168 -2.41 -12.80 14.11
CA ALA D 168 -2.24 -11.36 14.17
C ALA D 168 -2.81 -10.76 15.47
N LEU D 169 -3.24 -11.60 16.40
CA LEU D 169 -3.83 -11.15 17.65
C LEU D 169 -2.83 -11.35 18.79
N ASP D 170 -2.65 -10.31 19.60
CA ASP D 170 -1.85 -10.44 20.81
C ASP D 170 -2.53 -11.40 21.77
N ALA D 171 -1.73 -12.01 22.65
CA ALA D 171 -2.28 -13.05 23.53
C ALA D 171 -2.98 -12.45 24.73
N LEU D 172 -3.84 -11.47 24.49
CA LEU D 172 -4.83 -11.02 25.46
C LEU D 172 -6.22 -10.93 24.83
N THR D 173 -6.31 -10.50 23.58
CA THR D 173 -7.56 -10.62 22.85
C THR D 173 -7.81 -12.07 22.43
N ARG D 174 -6.73 -12.81 22.13
CA ARG D 174 -6.86 -14.24 21.86
C ARG D 174 -7.42 -14.96 23.08
N GLY D 175 -6.91 -14.63 24.27
CA GLY D 175 -7.47 -15.20 25.49
C GLY D 175 -8.93 -14.82 25.68
N SER D 176 -9.27 -13.57 25.36
CA SER D 176 -10.66 -13.13 25.45
C SER D 176 -11.53 -13.71 24.35
N LEU D 177 -10.93 -14.28 23.30
CA LEU D 177 -11.68 -14.84 22.19
C LEU D 177 -11.83 -16.36 22.26
N GLN D 178 -10.88 -17.06 22.87
CA GLN D 178 -11.01 -18.49 23.04
C GLN D 178 -12.23 -18.84 23.89
N GLU D 179 -12.43 -18.10 24.98
CA GLU D 179 -13.60 -18.34 25.81
C GLU D 179 -14.89 -18.19 25.03
N GLN D 180 -14.91 -17.29 24.04
CA GLN D 180 -16.11 -17.10 23.23
C GLN D 180 -16.47 -18.38 22.47
N LEU D 181 -15.45 -19.09 21.96
CA LEU D 181 -15.72 -20.33 21.25
C LEU D 181 -16.36 -21.37 22.16
N MET D 182 -15.92 -21.41 23.43
CA MET D 182 -16.56 -22.32 24.40
C MET D 182 -18.06 -22.10 24.43
N LYS D 183 -18.49 -20.85 24.60
CA LYS D 183 -19.91 -20.55 24.66
C LYS D 183 -20.62 -20.99 23.38
N ILE D 184 -19.94 -20.86 22.24
CA ILE D 184 -20.57 -21.19 20.96
C ILE D 184 -20.75 -22.70 20.83
N CYS D 185 -19.71 -23.46 21.16
CA CYS D 185 -19.71 -24.91 20.90
C CYS D 185 -20.29 -25.73 22.03
N ASN D 186 -20.69 -25.10 23.15
CA ASN D 186 -21.29 -25.85 24.24
C ASN D 186 -22.61 -26.49 23.81
N GLU D 187 -23.39 -25.77 23.00
CA GLU D 187 -24.73 -26.20 22.61
C GLU D 187 -24.80 -26.72 21.19
N HIS D 188 -24.25 -25.98 20.23
CA HIS D 188 -24.39 -26.35 18.83
C HIS D 188 -23.50 -27.54 18.48
N GLN D 189 -23.90 -28.26 17.45
CA GLN D 189 -23.14 -29.42 16.96
C GLN D 189 -21.97 -28.92 16.13
N ILE D 190 -20.77 -29.07 16.66
CA ILE D 190 -19.55 -28.56 16.03
C ILE D 190 -18.49 -29.65 16.01
N THR D 191 -17.73 -29.71 14.93
CA THR D 191 -16.72 -30.74 14.73
C THR D 191 -15.44 -30.14 14.17
N CYS D 192 -15.02 -29.00 14.72
CA CYS D 192 -13.90 -28.25 14.15
C CYS D 192 -12.63 -29.08 14.01
N VAL D 193 -11.78 -28.67 13.07
CA VAL D 193 -10.40 -29.16 12.99
C VAL D 193 -9.51 -27.93 12.83
N MET D 194 -8.99 -27.43 13.94
CA MET D 194 -8.30 -26.15 13.94
C MET D 194 -6.79 -26.34 14.03
N VAL D 195 -6.06 -25.38 13.46
CA VAL D 195 -4.60 -25.40 13.39
C VAL D 195 -4.06 -24.29 14.26
N THR D 196 -3.17 -24.63 15.18
CA THR D 196 -2.51 -23.65 16.03
C THR D 196 -1.14 -24.18 16.44
N HIS D 197 -0.26 -23.25 16.81
CA HIS D 197 1.06 -23.60 17.34
C HIS D 197 1.28 -23.05 18.74
N ASP D 198 0.22 -22.59 19.42
CA ASP D 198 0.29 -22.17 20.80
C ASP D 198 -0.44 -23.20 21.64
N VAL D 199 0.26 -23.76 22.64
CA VAL D 199 -0.25 -24.92 23.36
C VAL D 199 -1.46 -24.58 24.23
N ASP D 200 -1.64 -23.31 24.60
CA ASP D 200 -2.69 -22.99 25.57
C ASP D 200 -4.07 -23.35 25.05
N GLU D 201 -4.36 -23.02 23.79
CA GLU D 201 -5.66 -23.35 23.23
C GLU D 201 -5.78 -24.83 22.89
N ALA D 202 -4.65 -25.50 22.62
CA ALA D 202 -4.70 -26.92 22.30
C ALA D 202 -5.27 -27.72 23.46
N LEU D 203 -4.84 -27.42 24.68
CA LEU D 203 -5.32 -28.10 25.87
C LEU D 203 -6.58 -27.46 26.45
N LEU D 204 -7.15 -26.48 25.75
CA LEU D 204 -8.30 -25.74 26.25
C LEU D 204 -9.57 -26.01 25.45
N LEU D 205 -9.54 -25.82 24.14
CA LEU D 205 -10.70 -26.06 23.30
C LEU D 205 -10.80 -27.51 22.83
N SER D 206 -9.66 -28.14 22.54
CA SER D 206 -9.67 -29.45 21.92
C SER D 206 -10.25 -30.50 22.85
N ASP D 207 -10.92 -31.49 22.25
CA ASP D 207 -11.29 -32.72 22.95
C ASP D 207 -10.29 -33.84 22.72
N ARG D 208 -9.52 -33.79 21.63
CA ARG D 208 -8.48 -34.78 21.38
C ARG D 208 -7.42 -34.11 20.53
N VAL D 209 -6.35 -33.64 21.17
CA VAL D 209 -5.29 -32.92 20.47
C VAL D 209 -4.45 -33.89 19.66
N VAL D 210 -4.21 -33.55 18.40
CA VAL D 210 -3.36 -34.32 17.51
C VAL D 210 -2.17 -33.46 17.12
N MET D 211 -0.96 -34.01 17.27
CA MET D 211 0.26 -33.28 16.97
C MET D 211 0.80 -33.76 15.63
N LEU D 212 1.95 -33.22 15.22
CA LEU D 212 2.55 -33.58 13.94
C LEU D 212 4.06 -33.44 14.06
N THR D 213 4.78 -34.41 13.52
CA THR D 213 6.24 -34.42 13.59
C THR D 213 6.79 -33.49 12.52
N ASN D 214 7.81 -32.69 12.88
CA ASN D 214 8.43 -31.79 11.93
C ASN D 214 9.22 -32.56 10.88
N GLY D 215 9.38 -31.96 9.71
CA GLY D 215 10.17 -32.53 8.65
C GLY D 215 9.33 -33.14 7.55
N PRO D 216 9.98 -33.61 6.48
CA PRO D 216 9.25 -34.22 5.36
C PRO D 216 8.58 -35.54 5.73
N GLU D 217 8.72 -35.97 6.97
CA GLU D 217 8.14 -37.23 7.43
C GLU D 217 7.06 -36.97 8.46
N ALA D 218 6.18 -36.00 8.18
CA ALA D 218 5.17 -35.59 9.14
C ALA D 218 4.21 -36.74 9.44
N HIS D 219 4.35 -37.33 10.63
CA HIS D 219 3.48 -38.40 11.07
C HIS D 219 2.31 -37.80 11.86
N ILE D 220 1.52 -38.66 12.51
CA ILE D 220 0.46 -38.20 13.40
C ILE D 220 0.97 -37.94 14.82
N GLY D 221 2.26 -38.14 15.06
CA GLY D 221 2.78 -37.95 16.41
C GLY D 221 2.05 -38.83 17.39
N GLN D 222 1.63 -38.24 18.51
CA GLN D 222 0.83 -38.91 19.51
C GLN D 222 -0.51 -38.23 19.61
N ILE D 223 -1.58 -39.00 19.49
CA ILE D 223 -2.96 -38.45 19.53
C ILE D 223 -3.36 -38.43 21.00
N LEU D 224 -2.94 -37.36 21.68
CA LEU D 224 -3.25 -37.20 23.09
C LEU D 224 -4.72 -36.85 23.29
N GLU D 225 -5.30 -37.36 24.37
CA GLU D 225 -6.67 -37.07 24.75
C GLU D 225 -6.68 -36.28 26.05
N VAL D 226 -7.60 -35.31 26.14
CA VAL D 226 -7.69 -34.41 27.28
C VAL D 226 -8.92 -34.83 28.10
N PRO D 227 -8.74 -35.36 29.32
CA PRO D 227 -9.91 -35.75 30.14
C PRO D 227 -10.46 -34.62 31.00
N ILE D 228 -11.22 -33.74 30.36
CA ILE D 228 -11.84 -32.60 31.04
C ILE D 228 -13.32 -32.56 30.66
N SER D 229 -14.14 -32.13 31.61
CA SER D 229 -15.58 -32.05 31.37
C SER D 229 -15.87 -31.08 30.23
N ARG D 230 -16.88 -31.40 29.43
CA ARG D 230 -17.22 -30.63 28.24
C ARG D 230 -17.54 -29.19 28.58
N PRO D 231 -18.31 -28.90 29.64
CA PRO D 231 -18.62 -27.50 29.96
C PRO D 231 -17.38 -26.76 30.42
N ARG D 232 -16.49 -26.46 29.48
CA ARG D 232 -15.20 -25.88 29.80
C ARG D 232 -15.33 -24.40 30.17
N GLN D 233 -14.37 -23.94 30.98
CA GLN D 233 -14.28 -22.52 31.34
C GLN D 233 -12.83 -22.26 31.73
N ARG D 234 -12.20 -21.28 31.07
CA ARG D 234 -10.78 -21.05 31.29
C ARG D 234 -10.48 -20.75 32.75
N LEU D 235 -11.44 -20.23 33.49
CA LEU D 235 -11.22 -19.81 34.87
C LEU D 235 -11.33 -20.95 35.88
N GLU D 236 -11.74 -22.14 35.43
CA GLU D 236 -11.82 -23.29 36.33
C GLU D 236 -11.07 -24.49 35.76
N VAL D 237 -10.99 -24.57 34.43
CA VAL D 237 -10.29 -25.69 33.80
C VAL D 237 -8.82 -25.69 34.20
N VAL D 238 -8.21 -24.50 34.31
CA VAL D 238 -6.80 -24.43 34.65
C VAL D 238 -6.55 -25.05 36.01
N LYS D 239 -7.48 -24.87 36.95
CA LYS D 239 -7.33 -25.46 38.27
C LYS D 239 -7.38 -26.98 38.25
N HIS D 240 -7.81 -27.58 37.16
CA HIS D 240 -7.82 -29.04 37.05
C HIS D 240 -6.40 -29.56 37.19
N PRO D 241 -6.11 -30.46 38.13
CA PRO D 241 -4.71 -30.90 38.30
C PRO D 241 -4.10 -31.48 37.04
N SER D 242 -4.88 -32.21 36.25
CA SER D 242 -4.35 -32.85 35.05
C SER D 242 -3.99 -31.84 33.97
N TYR D 243 -4.54 -30.62 34.02
CA TYR D 243 -4.28 -29.65 32.97
C TYR D 243 -2.79 -29.36 32.84
N TYR D 244 -2.19 -28.81 33.90
CA TYR D 244 -0.78 -28.45 33.83
C TYR D 244 0.10 -29.66 33.57
N ASN D 245 -0.34 -30.85 33.99
CA ASN D 245 0.42 -32.06 33.70
C ASN D 245 0.51 -32.30 32.19
N LEU D 246 -0.61 -32.12 31.48
CA LEU D 246 -0.60 -32.35 30.04
C LEU D 246 0.09 -31.21 29.31
N ARG D 247 -0.10 -29.97 29.77
CA ARG D 247 0.52 -28.83 29.09
C ARG D 247 2.02 -29.00 29.01
N ASN D 248 2.63 -29.59 30.04
CA ASN D 248 4.05 -29.91 29.97
C ASN D 248 4.32 -30.96 28.89
N GLU D 249 3.43 -31.94 28.74
CA GLU D 249 3.64 -33.01 27.77
C GLU D 249 3.77 -32.45 26.37
N ILE D 250 2.86 -31.56 25.98
CA ILE D 250 2.94 -30.96 24.65
C ILE D 250 4.23 -30.16 24.51
N ILE D 251 4.56 -29.36 25.52
CA ILE D 251 5.82 -28.62 25.50
C ILE D 251 6.99 -29.59 25.40
N TYR D 252 6.91 -30.72 26.10
CA TYR D 252 7.96 -31.73 26.03
C TYR D 252 8.12 -32.23 24.59
N PHE D 253 7.01 -32.58 23.94
CA PHE D 253 7.10 -33.09 22.57
C PHE D 253 7.64 -32.04 21.62
N LEU D 254 7.15 -30.80 21.74
CA LEU D 254 7.61 -29.74 20.84
C LEU D 254 9.10 -29.51 20.99
N ASN D 255 9.63 -29.66 22.21
CA ASN D 255 11.06 -29.51 22.41
C ASN D 255 11.83 -30.56 21.62
N GLN D 256 11.34 -31.80 21.59
CA GLN D 256 12.02 -32.83 20.83
C GLN D 256 12.11 -32.46 19.35
N GLN D 257 11.02 -31.93 18.79
CA GLN D 257 11.05 -31.49 17.40
C GLN D 257 11.96 -30.29 17.21
N LYS D 258 12.06 -29.43 18.22
CA LYS D 258 12.98 -28.30 18.14
C LYS D 258 14.42 -28.78 17.98
N LEU D 259 14.81 -29.79 18.77
CA LEU D 259 16.12 -30.40 18.58
C LEU D 259 16.22 -31.07 17.21
N ALA D 260 15.15 -31.76 16.79
CA ALA D 260 15.17 -32.41 15.48
C ALA D 260 15.32 -31.40 14.36
N LYS D 261 14.65 -30.24 14.48
CA LYS D 261 14.79 -29.21 13.46
C LYS D 261 16.24 -28.76 13.34
N LYS D 262 16.94 -28.65 14.48
CA LYS D 262 18.36 -28.34 14.45
C LYS D 262 19.13 -29.43 13.71
N ARG D 263 18.79 -30.69 13.95
CA ARG D 263 19.43 -31.79 13.22
C ARG D 263 19.15 -31.68 11.73
N GLN D 264 17.93 -31.32 11.36
CA GLN D 264 17.61 -31.13 9.94
C GLN D 264 18.49 -30.06 9.33
N THR D 265 18.65 -28.92 10.03
CA THR D 265 19.57 -27.90 9.55
C THR D 265 21.00 -28.41 9.56
N GLN D 266 21.39 -29.13 10.61
CA GLN D 266 22.75 -29.66 10.70
C GLN D 266 23.04 -30.65 9.58
N GLN D 267 22.01 -31.35 9.10
CA GLN D 267 22.22 -32.31 8.02
C GLN D 267 22.71 -31.61 6.75
N ALA D 268 22.14 -30.44 6.44
CA ALA D 268 22.49 -29.69 5.24
C ALA D 268 23.46 -28.56 5.51
N SER D 269 23.24 -27.79 6.58
CA SER D 269 24.10 -26.66 6.89
C SER D 269 25.42 -27.12 7.50
N ALA D 270 25.35 -27.80 8.64
CA ALA D 270 26.54 -28.28 9.32
C ALA D 270 26.95 -29.66 8.78
#